data_6AJ9
#
_entry.id   6AJ9
#
_cell.length_a   1.0
_cell.length_b   1.0
_cell.length_c   1.0
_cell.angle_alpha   90.00
_cell.angle_beta   90.00
_cell.angle_gamma   90.00
#
_symmetry.space_group_name_H-M   'P 1'
#
loop_
_entity.id
_entity.type
_entity.pdbx_description
1 polymer 'VL of Fab 11G1'
2 polymer 'VH of Fab 11G1'
3 polymer 'VL of Fab 15C5'
4 polymer 'VH of Fab 15C5'
5 polymer 'Capsid protein VP1'
6 polymer 'Capsid protein VP2'
7 polymer 'Capsid protein VP3'
#
loop_
_entity_poly.entity_id
_entity_poly.type
_entity_poly.pdbx_seq_one_letter_code
_entity_poly.pdbx_strand_id
1 'polypeptide(L)'
;DIVMSQSPSSLAVSVGEKVTMSCKSSQSLLYSNNQKNYLAWYQQKPGQSPQLLIYWASTRESGVPDRFTGSESGTDFTLT
ISSVKAEDLAVFYCQQYYNYPWTFGGGTKLEIK
;
E
2 'polypeptide(L)'
;QVQLQQSGAELVRPGVSVKISCKGSGYIFTDYVMHWVKQSHSKSLEWIGVISTYYGDGSYNQKFKGKATMTVDKSSSTAY
MELARLTSEDSAIYYCVRGENYYGVSGTMDYWGQGTSVTVSS
;
D
3 'polypeptide(L)'
;DIQMIQSPSSMFASLGDRVSLSCRASQDIRGNLDWYQQKPGGTIKLLIYSTSNLNSGVPSRFSGSGSGSDYSLTISSLES
EDFADYYCLQRNAYPLTFGGGTKLEIK
;
L
4 'polypeptide(L)'
;QVQLQQSGTELAKPGASVKMSCKASGYTFTNYWMHWFKQRPGQGLEWIGYVNPNTDYTDYNHKFKDKATLTADKSSSTAY
MQLSSLTSEDSAVYFCARGTFGNYASFAYWGQGTLV
;
H
5 'polypeptide(L)'
;IESIIKTATDTVKSEINAELGVVPSLNAVETGATSNTEPEEAIQTRTVINQHGVSETLVENFLSRAALVSKRSFEYKDHT
SSAAQADKNFFKWTINTRSFVQLRRKLELFTYLRFDAEITILTTVAVNGSGNNTYVGLPDLTLQAMFVPTGALTPEKQDS
FHWQSGSNASVFFKISDPPARITIPFMCINSAYSVFYDGFAGFEKNGLYGINPADTIGNLCVRIVNEHQPVGFTVTVRVY
MKPKHIKAWAPRPPRTLPYMSIANANYKGKERAPNALNAIIGNRDSVKTMPHNIV
;
A
6 'polypeptide(L)'
;SPSAEACGYSDRVLQLKLGNSAIVTQEAANYCCAYGEWPNYLPDHEAVAIDKPTQPETATDRFYTLKSVKWETGSTGWWW
KLPDALNNIGMFGQNVQHHYLYRSGFLIHVQCNATKFHQGALLVVAIPEHQRGAHNTNTSPGFDDIMKGEEGGTFNHPYV
LDDGTSLACATIFPHQWINLRTNNSATIVLPWMNAAPMDFPLRHNQWTLAIIPVVPLGTRTTSSMVPITVSIAPMCCEFN
GLRHAITQ
;
B
7 'polypeptide(L)'
;GVPTYLLPGSGQFLTTDDHSSAPALPCFNPTPEMHIPGQVRNMLEVVQVESMMEINNTESAVGMERLKVDISALTDVDQL
LFNIPLDIQLDGPLRNTLVGNISRYYTHWSGSLEMTFMFCGSFMATGKLILCYTPPGGSCPTTRETAMLGTHIVWDFGLQ
SSVTLIIPWISGSHYRMFNNDAKSTNANVGYVTCFMQTNLIVPSESSDTCSLIGFIAAKDDFSLRLMRDSPDIGQLDHLH
AAEAAYQ
;
C
#
# COMPACT_ATOMS: atom_id res chain seq x y z
N ASP A 1 8.08 8.03 -39.55
CA ASP A 1 9.18 8.37 -40.43
C ASP A 1 9.09 9.81 -40.90
N ILE A 2 10.23 10.43 -41.16
CA ILE A 2 10.25 11.80 -41.67
C ILE A 2 9.95 11.78 -43.15
N VAL A 3 8.88 12.44 -43.55
CA VAL A 3 8.50 12.56 -44.96
C VAL A 3 9.11 13.86 -45.50
N MET A 4 9.58 13.81 -46.75
CA MET A 4 10.25 14.95 -47.38
C MET A 4 9.46 15.33 -48.63
N SER A 5 8.51 16.23 -48.45
CA SER A 5 7.65 16.65 -49.55
C SER A 5 8.18 17.94 -50.17
N GLN A 6 7.98 18.08 -51.48
CA GLN A 6 8.44 19.23 -52.23
C GLN A 6 7.25 20.00 -52.81
N SER A 7 7.25 21.31 -52.60
CA SER A 7 6.14 22.20 -52.98
C SER A 7 6.05 22.64 -54.44
N PRO A 8 7.11 23.10 -55.15
CA PRO A 8 6.89 23.70 -56.47
C PRO A 8 6.44 22.73 -57.55
N SER A 9 6.76 21.44 -57.44
CA SER A 9 6.25 20.36 -58.28
C SER A 9 6.59 20.57 -59.77
N SER A 10 7.90 20.46 -60.04
CA SER A 10 8.46 20.39 -61.40
C SER A 10 8.15 21.65 -62.22
N LEU A 11 8.78 22.74 -61.78
CA LEU A 11 8.66 24.03 -62.46
C LEU A 11 9.28 23.98 -63.87
N ALA A 12 8.91 24.97 -64.68
CA ALA A 12 9.41 25.12 -66.04
C ALA A 12 9.75 26.58 -66.26
N VAL A 13 11.04 26.89 -66.40
CA VAL A 13 11.50 28.27 -66.51
C VAL A 13 12.28 28.46 -67.81
N SER A 14 12.76 29.68 -68.04
CA SER A 14 13.54 30.04 -69.21
C SER A 14 15.01 30.23 -68.83
N VAL A 15 15.83 30.43 -69.84
CA VAL A 15 17.27 30.56 -69.65
C VAL A 15 17.60 31.98 -69.22
N GLY A 16 18.35 32.10 -68.11
CA GLY A 16 18.81 33.39 -67.63
C GLY A 16 18.18 33.86 -66.34
N GLU A 17 17.30 33.06 -65.73
CA GLU A 17 16.59 33.46 -64.53
C GLU A 17 17.38 33.02 -63.28
N LYS A 18 16.73 33.08 -62.13
CA LYS A 18 17.34 32.73 -60.84
C LYS A 18 16.30 31.94 -60.06
N VAL A 19 16.44 30.62 -60.03
CA VAL A 19 15.36 29.74 -59.59
C VAL A 19 15.66 29.17 -58.22
N THR A 20 14.59 28.94 -57.45
CA THR A 20 14.61 28.26 -56.17
C THR A 20 13.49 27.23 -56.16
N MET A 21 13.54 26.33 -55.18
CA MET A 21 12.50 25.31 -55.05
C MET A 21 12.45 24.82 -53.61
N SER A 22 11.23 24.58 -53.12
CA SER A 22 11.00 24.32 -51.71
C SER A 22 11.09 22.83 -51.38
N CYS A 23 11.55 22.53 -50.17
CA CYS A 23 11.64 21.18 -49.65
C CYS A 23 11.19 21.20 -48.20
N LYS A 24 10.13 20.44 -47.90
CA LYS A 24 9.51 20.45 -46.58
C LYS A 24 9.89 19.19 -45.81
N SER A 25 10.05 19.34 -44.49
CA SER A 25 10.37 18.24 -43.59
C SER A 25 9.40 18.25 -42.42
N SER A 26 9.08 17.05 -41.93
CA SER A 26 8.05 16.92 -40.91
C SER A 26 8.49 17.42 -39.53
N GLN A 27 9.79 17.42 -39.24
CA GLN A 27 10.27 17.84 -37.94
C GLN A 27 11.69 18.37 -38.09
N SER A 28 12.33 18.67 -36.97
CA SER A 28 13.62 19.35 -36.96
C SER A 28 14.74 18.41 -37.37
N LEU A 29 15.67 18.92 -38.18
CA LEU A 29 16.78 18.15 -38.70
C LEU A 29 18.13 18.74 -38.25
N LEU A 30 18.16 19.31 -37.05
CA LEU A 30 19.37 19.91 -36.53
C LEU A 30 20.12 18.89 -35.70
N TYR A 31 21.38 18.65 -36.04
CA TYR A 31 22.25 17.79 -35.26
C TYR A 31 22.88 18.62 -34.14
N SER A 32 22.86 18.09 -32.93
CA SER A 32 23.35 18.85 -31.78
C SER A 32 24.82 19.24 -31.68
N ASN A 33 25.75 18.33 -31.92
CA ASN A 33 27.16 18.68 -31.83
C ASN A 33 27.56 19.67 -32.91
N ASN A 34 27.11 19.35 -34.12
CA ASN A 34 27.35 20.15 -35.31
C ASN A 34 26.67 21.50 -35.33
N GLN A 35 25.45 21.54 -34.80
CA GLN A 35 24.56 22.71 -34.80
C GLN A 35 24.42 23.05 -36.27
N LYS A 36 24.35 21.99 -37.08
CA LYS A 36 24.24 22.11 -38.53
C LYS A 36 23.12 21.20 -39.03
N ASN A 37 22.22 21.78 -39.83
CA ASN A 37 21.08 21.04 -40.35
C ASN A 37 21.55 20.04 -41.40
N TYR A 38 21.26 18.75 -41.18
CA TYR A 38 21.66 17.73 -42.12
C TYR A 38 20.74 17.73 -43.33
N LEU A 39 21.28 18.13 -44.48
CA LEU A 39 20.52 18.21 -45.72
C LEU A 39 21.47 18.09 -46.89
N ALA A 40 21.07 17.32 -47.90
CA ALA A 40 21.89 17.09 -49.09
C ALA A 40 21.13 17.51 -50.33
N TRP A 41 21.85 18.12 -51.28
CA TRP A 41 21.28 18.57 -52.55
C TRP A 41 21.92 17.82 -53.70
N TYR A 42 21.09 17.25 -54.57
CA TYR A 42 21.55 16.37 -55.63
C TYR A 42 21.23 16.98 -57.00
N GLN A 43 21.70 16.29 -58.04
CA GLN A 43 21.41 16.66 -59.42
C GLN A 43 21.66 15.43 -60.30
N GLN A 44 20.60 14.88 -60.89
CA GLN A 44 20.74 13.78 -61.83
C GLN A 44 20.39 14.27 -63.23
N LYS A 45 21.40 14.30 -64.11
CA LYS A 45 21.13 14.50 -65.51
C LYS A 45 20.64 13.19 -66.11
N PRO A 46 19.71 13.24 -67.08
CA PRO A 46 19.10 12.00 -67.58
C PRO A 46 20.09 11.12 -68.33
N GLY A 47 20.16 9.86 -67.90
CA GLY A 47 21.08 8.90 -68.46
C GLY A 47 22.26 8.55 -67.58
N GLN A 48 22.34 9.10 -66.37
CA GLN A 48 23.49 8.86 -65.51
C GLN A 48 23.08 9.03 -64.05
N SER A 49 24.05 8.76 -63.17
CA SER A 49 23.82 8.76 -61.74
C SER A 49 23.71 10.17 -61.19
N PRO A 50 23.05 10.35 -60.04
CA PRO A 50 23.01 11.68 -59.41
C PRO A 50 24.37 12.11 -58.89
N GLN A 51 24.42 13.37 -58.44
CA GLN A 51 25.68 13.97 -58.04
C GLN A 51 25.41 14.98 -56.93
N LEU A 52 26.25 14.93 -55.90
CA LEU A 52 26.08 15.74 -54.70
C LEU A 52 26.47 17.20 -54.99
N LEU A 53 25.52 18.12 -54.80
CA LEU A 53 25.78 19.54 -54.97
C LEU A 53 26.13 20.23 -53.65
N ILE A 54 25.20 20.24 -52.71
CA ILE A 54 25.35 20.97 -51.46
C ILE A 54 25.06 20.01 -50.31
N TYR A 55 25.97 19.92 -49.36
CA TYR A 55 25.73 19.20 -48.12
C TYR A 55 25.69 20.18 -46.96
N TRP A 56 25.07 19.73 -45.86
CA TRP A 56 24.81 20.49 -44.63
C TRP A 56 23.95 21.74 -44.86
N ALA A 57 23.24 21.80 -46.00
CA ALA A 57 22.30 22.83 -46.43
C ALA A 57 22.92 24.21 -46.69
N SER A 58 24.22 24.38 -46.39
CA SER A 58 24.86 25.65 -46.67
C SER A 58 26.31 25.53 -47.12
N THR A 59 26.82 24.34 -47.39
CA THR A 59 28.24 24.15 -47.67
C THR A 59 28.40 23.55 -49.06
N ARG A 60 29.20 24.22 -49.89
CA ARG A 60 29.37 23.83 -51.28
C ARG A 60 30.38 22.71 -51.40
N GLU A 61 30.05 21.71 -52.23
CA GLU A 61 30.97 20.62 -52.51
C GLU A 61 32.13 21.12 -53.35
N SER A 62 33.33 20.62 -53.05
CA SER A 62 34.52 20.91 -53.86
C SER A 62 34.35 20.28 -55.24
N GLY A 63 34.40 21.10 -56.28
CA GLY A 63 34.10 20.68 -57.63
C GLY A 63 32.79 21.19 -58.18
N VAL A 64 32.18 22.17 -57.53
CA VAL A 64 30.88 22.71 -57.93
C VAL A 64 31.08 24.19 -58.23
N PRO A 65 30.61 24.70 -59.38
CA PRO A 65 30.72 26.13 -59.68
C PRO A 65 29.86 26.97 -58.74
N ASP A 66 30.18 28.26 -58.71
CA ASP A 66 29.63 29.18 -57.71
C ASP A 66 28.20 29.61 -58.00
N ARG A 67 27.55 29.07 -59.03
CA ARG A 67 26.15 29.40 -59.27
C ARG A 67 25.20 28.59 -58.40
N PHE A 68 25.70 27.63 -57.64
CA PHE A 68 24.88 26.73 -56.83
C PHE A 68 25.12 27.06 -55.36
N THR A 69 24.25 27.91 -54.79
CA THR A 69 24.33 28.27 -53.38
C THR A 69 22.93 28.60 -52.89
N GLY A 70 22.35 27.70 -52.09
CA GLY A 70 21.03 27.93 -51.52
C GLY A 70 20.93 27.49 -50.08
N SER A 71 20.25 28.28 -49.24
CA SER A 71 20.20 28.00 -47.81
C SER A 71 18.91 28.58 -47.22
N GLU A 72 18.23 27.78 -46.40
CA GLU A 72 17.08 28.22 -45.62
C GLU A 72 17.08 27.56 -44.25
N SER A 73 16.18 28.05 -43.39
CA SER A 73 16.07 27.60 -42.01
C SER A 73 14.66 27.08 -41.76
N GLY A 74 14.40 26.66 -40.54
CA GLY A 74 13.12 26.05 -40.20
C GLY A 74 13.01 24.64 -40.73
N THR A 75 11.81 24.24 -41.14
CA THR A 75 11.59 22.96 -41.78
C THR A 75 11.34 23.12 -43.28
N ASP A 76 11.71 24.26 -43.84
CA ASP A 76 11.55 24.54 -45.26
C ASP A 76 12.89 24.89 -45.85
N PHE A 77 13.22 24.29 -47.00
CA PHE A 77 14.58 24.26 -47.53
C PHE A 77 14.58 24.64 -49.00
N THR A 78 15.67 25.24 -49.48
CA THR A 78 15.78 25.57 -50.89
C THR A 78 17.23 25.55 -51.37
N LEU A 79 17.39 25.52 -52.69
CA LEU A 79 18.65 25.70 -53.38
C LEU A 79 18.47 26.74 -54.46
N THR A 80 19.41 27.68 -54.56
CA THR A 80 19.31 28.80 -55.49
C THR A 80 20.34 28.65 -56.60
N ILE A 81 19.88 28.70 -57.85
CA ILE A 81 20.75 28.75 -59.01
C ILE A 81 20.93 30.20 -59.41
N SER A 82 22.18 30.65 -59.51
CA SER A 82 22.46 32.05 -59.83
C SER A 82 22.11 32.37 -61.27
N SER A 83 22.46 31.49 -62.20
CA SER A 83 22.19 31.71 -63.62
C SER A 83 21.69 30.40 -64.24
N VAL A 84 20.43 30.40 -64.67
CA VAL A 84 19.85 29.21 -65.29
C VAL A 84 20.42 29.05 -66.68
N LYS A 85 21.04 27.90 -66.94
CA LYS A 85 21.60 27.60 -68.25
C LYS A 85 20.86 26.43 -68.88
N ALA A 86 21.17 26.18 -70.15
CA ALA A 86 20.46 25.17 -70.93
C ALA A 86 20.93 23.75 -70.64
N GLU A 87 21.99 23.58 -69.84
CA GLU A 87 22.50 22.26 -69.50
C GLU A 87 22.11 21.82 -68.10
N ASP A 88 21.30 22.60 -67.39
CA ASP A 88 20.94 22.29 -66.02
C ASP A 88 19.60 21.56 -65.92
N LEU A 89 19.19 20.86 -66.97
CA LEU A 89 17.95 20.09 -66.92
C LEU A 89 18.18 18.83 -66.09
N ALA A 90 17.41 18.67 -65.01
CA ALA A 90 17.61 17.61 -64.05
C ALA A 90 16.34 17.47 -63.22
N VAL A 91 16.32 16.46 -62.37
CA VAL A 91 15.30 16.29 -61.34
C VAL A 91 16.01 16.47 -60.01
N PHE A 92 15.87 17.65 -59.41
CA PHE A 92 16.62 17.99 -58.21
C PHE A 92 16.06 17.27 -56.98
N TYR A 93 16.96 16.86 -56.09
CA TYR A 93 16.60 16.07 -54.92
C TYR A 93 17.07 16.74 -53.64
N CYS A 94 16.23 16.66 -52.61
CA CYS A 94 16.59 17.02 -51.25
C CYS A 94 16.45 15.78 -50.37
N GLN A 95 17.42 15.56 -49.50
CA GLN A 95 17.45 14.38 -48.65
C GLN A 95 17.75 14.77 -47.21
N GLN A 96 17.01 14.16 -46.29
CA GLN A 96 17.41 14.15 -44.88
C GLN A 96 18.18 12.87 -44.59
N TYR A 97 19.22 13.01 -43.77
CA TYR A 97 19.96 11.84 -43.28
C TYR A 97 20.18 11.94 -41.78
N TYR A 98 19.23 12.52 -41.06
CA TYR A 98 19.36 12.71 -39.62
C TYR A 98 18.86 11.48 -38.86
N ASN A 99 17.86 10.79 -39.38
CA ASN A 99 17.23 9.71 -38.63
C ASN A 99 16.88 8.56 -39.58
N TYR A 100 17.21 7.35 -39.16
CA TYR A 100 16.84 6.16 -39.92
C TYR A 100 15.33 5.96 -39.90
N PRO A 101 14.74 5.52 -41.03
CA PRO A 101 15.35 5.33 -42.35
C PRO A 101 15.36 6.63 -43.15
N TRP A 102 16.29 6.75 -44.09
CA TRP A 102 16.51 8.01 -44.77
C TRP A 102 15.61 8.11 -46.00
N THR A 103 14.79 9.15 -46.05
CA THR A 103 13.82 9.35 -47.11
C THR A 103 14.26 10.50 -48.02
N PHE A 104 13.92 10.38 -49.29
CA PHE A 104 14.27 11.37 -50.29
C PHE A 104 13.14 12.37 -50.51
N GLY A 105 13.43 13.43 -51.27
CA GLY A 105 12.43 14.40 -51.63
C GLY A 105 11.49 13.90 -52.71
N GLY A 106 10.56 14.78 -53.09
CA GLY A 106 9.57 14.42 -54.09
C GLY A 106 10.08 14.41 -55.51
N GLY A 107 11.14 15.17 -55.79
CA GLY A 107 11.66 15.26 -57.13
C GLY A 107 11.06 16.42 -57.90
N THR A 108 11.91 17.37 -58.31
CA THR A 108 11.47 18.56 -59.03
C THR A 108 12.20 18.62 -60.35
N LYS A 109 11.48 18.34 -61.44
CA LYS A 109 12.07 18.28 -62.78
C LYS A 109 12.07 19.65 -63.42
N LEU A 110 13.23 20.06 -63.92
CA LEU A 110 13.39 21.35 -64.55
C LEU A 110 13.19 21.21 -66.05
N GLU A 111 12.36 22.08 -66.63
CA GLU A 111 12.08 22.08 -68.06
C GLU A 111 12.56 23.40 -68.64
N ILE A 112 13.49 23.31 -69.59
CA ILE A 112 14.19 24.48 -70.11
C ILE A 112 13.54 24.91 -71.43
N LYS A 113 13.08 26.16 -71.46
CA LYS A 113 12.48 26.72 -72.66
C LYS A 113 13.20 28.02 -73.04
N VAL B 2 37.23 6.87 -56.07
CA VAL B 2 36.14 7.79 -56.33
C VAL B 2 35.24 7.22 -57.42
N GLN B 3 35.55 6.01 -57.86
CA GLN B 3 34.76 5.30 -58.85
C GLN B 3 34.13 4.08 -58.20
N LEU B 4 32.84 3.87 -58.46
CA LEU B 4 32.10 2.75 -57.90
C LEU B 4 31.58 1.91 -59.06
N GLN B 5 32.34 0.88 -59.42
CA GLN B 5 31.99 -0.03 -60.49
C GLN B 5 31.27 -1.24 -59.90
N GLN B 6 30.28 -1.75 -60.62
CA GLN B 6 29.49 -2.88 -60.13
C GLN B 6 29.11 -3.75 -61.31
N SER B 7 28.17 -4.67 -61.08
CA SER B 7 27.66 -5.53 -62.14
C SER B 7 26.85 -4.72 -63.14
N GLY B 8 26.86 -5.16 -64.40
CA GLY B 8 26.24 -4.41 -65.47
C GLY B 8 24.72 -4.39 -65.43
N ALA B 9 24.10 -5.52 -65.73
CA ALA B 9 22.64 -5.64 -65.77
C ALA B 9 22.27 -7.12 -65.77
N GLU B 10 21.23 -7.47 -65.02
CA GLU B 10 20.68 -8.82 -65.06
C GLU B 10 19.21 -8.75 -64.66
N LEU B 11 18.45 -9.72 -65.16
CA LEU B 11 17.03 -9.83 -64.85
C LEU B 11 16.62 -11.28 -65.04
N VAL B 12 16.05 -11.88 -64.00
CA VAL B 12 15.67 -13.30 -64.04
C VAL B 12 14.17 -13.44 -63.84
N ARG B 13 13.68 -14.66 -63.96
CA ARG B 13 12.28 -14.98 -63.72
C ARG B 13 12.02 -15.07 -62.22
N PRO B 14 10.79 -14.79 -61.76
CA PRO B 14 10.52 -14.76 -60.32
C PRO B 14 10.59 -16.16 -59.70
N GLY B 15 11.27 -16.24 -58.56
CA GLY B 15 11.61 -17.49 -57.92
C GLY B 15 13.10 -17.77 -57.85
N VAL B 16 13.94 -16.85 -58.31
CA VAL B 16 15.38 -17.02 -58.37
C VAL B 16 16.04 -15.89 -57.58
N SER B 17 16.96 -16.24 -56.69
CA SER B 17 17.71 -15.25 -55.92
C SER B 17 18.97 -14.84 -56.68
N VAL B 18 19.27 -13.53 -56.64
CA VAL B 18 20.43 -13.00 -57.36
C VAL B 18 21.41 -12.39 -56.38
N LYS B 19 22.53 -11.88 -56.90
CA LYS B 19 23.53 -11.24 -56.06
C LYS B 19 24.15 -10.07 -56.83
N ILE B 20 24.25 -8.92 -56.16
CA ILE B 20 24.82 -7.71 -56.74
C ILE B 20 26.10 -7.38 -55.97
N SER B 21 27.18 -7.14 -56.70
CA SER B 21 28.47 -6.82 -56.09
C SER B 21 28.92 -5.43 -56.53
N CYS B 22 29.30 -4.60 -55.56
CA CYS B 22 29.80 -3.25 -55.81
C CYS B 22 31.30 -3.22 -55.53
N LYS B 23 32.10 -2.94 -56.56
CA LYS B 23 33.55 -2.85 -56.42
C LYS B 23 33.93 -1.38 -56.24
N GLY B 24 34.54 -1.06 -55.11
CA GLY B 24 34.97 0.29 -54.81
C GLY B 24 36.48 0.45 -55.01
N SER B 25 36.85 1.46 -55.77
CA SER B 25 38.26 1.73 -56.05
C SER B 25 38.48 3.23 -56.16
N GLY B 26 39.67 3.66 -55.74
CA GLY B 26 40.04 5.06 -55.75
C GLY B 26 40.11 5.71 -54.39
N TYR B 27 39.74 4.98 -53.33
CA TYR B 27 39.80 5.48 -51.97
C TYR B 27 40.11 4.31 -51.05
N ILE B 28 40.57 4.62 -49.84
CA ILE B 28 40.96 3.56 -48.92
C ILE B 28 39.72 2.93 -48.28
N PHE B 29 39.84 1.66 -47.93
CA PHE B 29 38.72 0.86 -47.48
C PHE B 29 38.73 0.84 -45.95
N THR B 30 37.67 0.23 -45.38
CA THR B 30 37.42 0.15 -43.93
C THR B 30 37.36 1.52 -43.27
N ASP B 31 36.89 2.54 -43.99
CA ASP B 31 36.68 3.86 -43.42
C ASP B 31 35.37 4.50 -43.82
N TYR B 32 34.48 3.78 -44.51
CA TYR B 32 33.26 4.35 -45.05
C TYR B 32 32.14 3.32 -44.94
N VAL B 33 30.91 3.76 -45.15
CA VAL B 33 29.73 2.93 -44.92
C VAL B 33 28.95 2.75 -46.23
N MET B 34 28.92 1.52 -46.72
CA MET B 34 28.27 1.20 -47.99
C MET B 34 26.75 1.31 -47.82
N HIS B 35 26.16 2.37 -48.35
CA HIS B 35 24.71 2.47 -48.40
C HIS B 35 24.19 1.71 -49.61
N TRP B 36 22.86 1.66 -49.75
CA TRP B 36 22.24 1.00 -50.89
C TRP B 36 20.98 1.76 -51.28
N VAL B 37 21.05 2.49 -52.39
CA VAL B 37 19.89 3.20 -52.89
C VAL B 37 19.47 2.61 -54.23
N ILE B 48 17.99 1.53 -46.85
CA ILE B 48 19.10 2.38 -46.42
C ILE B 48 20.03 1.51 -45.55
N GLY B 49 20.16 0.26 -45.98
CA GLY B 49 21.00 -0.69 -45.26
C GLY B 49 22.48 -0.35 -45.42
N VAL B 50 23.22 -0.49 -44.33
CA VAL B 50 24.64 -0.21 -44.31
C VAL B 50 25.38 -1.50 -43.96
N ILE B 51 26.69 -1.51 -44.20
CA ILE B 51 27.50 -2.67 -43.83
C ILE B 51 28.77 -2.29 -43.08
N SER B 52 29.22 -1.02 -43.14
CA SER B 52 30.29 -0.38 -42.39
C SER B 52 31.69 -0.93 -42.68
N THR B 53 31.83 -1.95 -43.52
CA THR B 53 33.08 -2.43 -44.14
C THR B 53 34.19 -2.87 -43.18
N TYR B 54 33.95 -2.85 -41.87
CA TYR B 54 34.94 -3.29 -40.90
C TYR B 54 34.25 -4.25 -39.94
N TYR B 55 34.17 -5.52 -40.35
CA TYR B 55 33.52 -6.61 -39.61
C TYR B 55 32.10 -6.24 -39.18
N GLY B 56 31.37 -5.58 -40.06
CA GLY B 56 30.12 -4.94 -39.70
C GLY B 56 28.90 -5.70 -40.18
N ASP B 57 27.85 -5.67 -39.36
CA ASP B 57 26.57 -6.26 -39.70
C ASP B 57 25.64 -5.23 -40.34
N GLY B 58 25.54 -4.05 -39.74
CA GLY B 58 24.76 -2.97 -40.29
C GLY B 58 23.27 -3.15 -40.04
N SER B 59 22.57 -2.02 -40.12
CA SER B 59 21.15 -1.96 -39.83
C SER B 59 20.37 -1.88 -41.15
N TYR B 60 19.45 -2.83 -41.34
CA TYR B 60 18.63 -2.85 -42.55
C TYR B 60 17.44 -1.91 -42.40
N ASN B 61 16.73 -1.72 -43.51
CA ASN B 61 15.45 -1.04 -43.46
C ASN B 61 14.38 -2.03 -42.98
N GLN B 62 13.26 -1.50 -42.51
CA GLN B 62 12.22 -2.36 -41.98
C GLN B 62 11.41 -3.02 -43.09
N LYS B 63 11.16 -2.30 -44.20
CA LYS B 63 10.40 -2.87 -45.31
C LYS B 63 11.23 -3.90 -46.06
N PHE B 64 12.52 -3.64 -46.24
CA PHE B 64 13.41 -4.54 -46.97
C PHE B 64 14.16 -5.48 -46.04
N LYS B 65 13.57 -5.85 -44.90
CA LYS B 65 14.30 -6.55 -43.86
C LYS B 65 14.54 -8.01 -44.22
N GLY B 66 13.50 -8.74 -44.62
CA GLY B 66 13.69 -10.11 -45.07
C GLY B 66 14.14 -10.22 -46.51
N LYS B 67 13.90 -9.19 -47.32
CA LYS B 67 14.23 -9.23 -48.74
C LYS B 67 15.72 -9.07 -48.99
N ALA B 68 16.40 -8.22 -48.22
CA ALA B 68 17.81 -7.92 -48.42
C ALA B 68 18.66 -8.65 -47.39
N THR B 69 19.78 -9.21 -47.85
CA THR B 69 20.75 -9.85 -46.99
C THR B 69 22.11 -9.66 -47.62
N MET B 70 23.07 -9.13 -46.87
CA MET B 70 24.30 -8.67 -47.49
C MET B 70 25.49 -8.81 -46.55
N THR B 71 26.67 -8.84 -47.16
CA THR B 71 27.94 -9.00 -46.45
C THR B 71 28.98 -8.15 -47.18
N VAL B 72 30.25 -8.36 -46.82
CA VAL B 72 31.33 -7.57 -47.39
C VAL B 72 32.58 -8.45 -47.44
N ASP B 73 33.48 -8.14 -48.37
CA ASP B 73 34.75 -8.84 -48.52
C ASP B 73 35.85 -7.80 -48.51
N LYS B 74 36.69 -7.84 -47.47
CA LYS B 74 37.68 -6.77 -47.29
C LYS B 74 38.86 -6.93 -48.24
N SER B 75 39.24 -8.16 -48.58
CA SER B 75 40.38 -8.36 -49.46
C SER B 75 40.04 -8.02 -50.90
N SER B 76 38.86 -8.44 -51.36
CA SER B 76 38.46 -8.17 -52.73
C SER B 76 37.88 -6.77 -52.92
N SER B 77 37.67 -6.03 -51.83
CA SER B 77 37.11 -4.68 -51.83
C SER B 77 35.74 -4.62 -52.52
N THR B 78 34.90 -5.60 -52.22
CA THR B 78 33.56 -5.69 -52.81
C THR B 78 32.50 -5.70 -51.72
N ALA B 79 31.29 -5.29 -52.10
CA ALA B 79 30.16 -5.21 -51.20
C ALA B 79 29.00 -5.99 -51.81
N TYR B 80 28.84 -7.25 -51.40
CA TYR B 80 27.81 -8.10 -51.97
C TYR B 80 26.45 -7.77 -51.38
N MET B 81 25.40 -8.25 -52.06
CA MET B 81 24.02 -8.05 -51.62
C MET B 81 23.14 -9.11 -52.27
N GLU B 82 22.45 -9.91 -51.46
CA GLU B 82 21.57 -10.96 -51.96
C GLU B 82 20.12 -10.53 -51.82
N LEU B 83 19.31 -10.88 -52.81
CA LEU B 83 17.88 -10.59 -52.80
C LEU B 83 17.15 -11.89 -53.13
N ALA B 84 16.52 -12.50 -52.13
CA ALA B 84 15.81 -13.75 -52.32
C ALA B 84 14.35 -13.50 -52.64
N ARG B 85 13.76 -14.43 -53.43
CA ARG B 85 12.34 -14.46 -53.80
C ARG B 85 11.92 -13.19 -54.52
N LEU B 86 12.50 -13.00 -55.70
CA LEU B 86 12.25 -11.80 -56.49
C LEU B 86 10.86 -11.83 -57.11
N THR B 87 10.29 -10.64 -57.26
CA THR B 87 9.00 -10.44 -57.92
C THR B 87 9.19 -9.55 -59.14
N SER B 88 8.09 -9.24 -59.81
CA SER B 88 8.11 -8.33 -60.95
C SER B 88 8.05 -6.87 -60.55
N GLU B 89 7.92 -6.58 -59.25
CA GLU B 89 7.94 -5.21 -58.75
C GLU B 89 9.35 -4.66 -58.61
N ASP B 90 10.37 -5.48 -58.88
CA ASP B 90 11.77 -5.12 -58.67
C ASP B 90 12.41 -4.50 -59.90
N SER B 91 11.62 -3.86 -60.76
CA SER B 91 12.13 -3.23 -61.99
C SER B 91 12.61 -1.82 -61.64
N ALA B 92 13.77 -1.77 -61.00
CA ALA B 92 14.36 -0.50 -60.59
C ALA B 92 15.88 -0.64 -60.67
N ILE B 93 16.58 0.32 -60.08
CA ILE B 93 18.03 0.40 -60.16
C ILE B 93 18.57 0.31 -58.74
N TYR B 94 19.25 -0.79 -58.43
CA TYR B 94 19.79 -1.05 -57.09
C TYR B 94 21.30 -0.95 -57.16
N TYR B 95 21.88 -0.05 -56.34
CA TYR B 95 23.31 0.22 -56.43
C TYR B 95 23.84 0.75 -55.10
N CYS B 96 25.12 1.07 -55.09
CA CYS B 96 25.90 1.33 -53.89
C CYS B 96 26.32 2.79 -53.80
N VAL B 97 26.46 3.29 -52.56
CA VAL B 97 26.94 4.63 -52.26
C VAL B 97 28.05 4.48 -51.22
N ARG B 98 29.01 5.42 -51.20
CA ARG B 98 30.19 5.24 -50.35
C ARG B 98 29.94 5.62 -48.90
N GLY B 99 29.04 6.59 -48.63
CA GLY B 99 28.82 7.06 -47.27
C GLY B 99 30.01 7.76 -46.62
N GLU B 100 29.91 8.06 -45.32
CA GLU B 100 31.01 8.69 -44.58
C GLU B 100 30.76 8.53 -43.09
N ASN B 101 31.73 7.98 -42.37
CA ASN B 101 31.55 7.58 -40.97
C ASN B 101 32.71 8.12 -40.12
N TYR B 102 32.52 9.25 -39.45
CA TYR B 102 33.61 9.87 -38.70
C TYR B 102 33.79 9.29 -37.30
N TYR B 103 32.80 9.48 -36.43
CA TYR B 103 32.92 9.11 -35.03
C TYR B 103 32.09 7.89 -34.68
N GLY B 104 31.32 7.37 -35.64
CA GLY B 104 30.26 6.42 -35.37
C GLY B 104 28.92 6.87 -35.92
N VAL B 105 28.76 8.17 -36.15
CA VAL B 105 27.56 8.68 -36.80
C VAL B 105 27.65 8.44 -38.30
N SER B 106 26.49 8.46 -38.96
CA SER B 106 26.40 7.87 -40.28
C SER B 106 26.72 8.82 -41.42
N GLY B 107 26.72 10.14 -41.18
CA GLY B 107 27.27 11.10 -42.12
C GLY B 107 26.55 11.22 -43.46
N THR B 108 27.22 11.87 -44.41
CA THR B 108 26.60 12.25 -45.67
C THR B 108 26.79 11.16 -46.74
N MET B 109 26.51 11.51 -47.99
CA MET B 109 26.17 10.57 -49.06
C MET B 109 26.99 10.89 -50.32
N ASP B 110 28.32 10.98 -50.17
CA ASP B 110 29.23 11.66 -51.10
C ASP B 110 29.20 11.24 -52.56
N TYR B 111 29.65 10.02 -52.88
CA TYR B 111 29.80 9.59 -54.26
C TYR B 111 28.92 8.39 -54.54
N TRP B 112 28.35 8.37 -55.73
CA TRP B 112 27.29 7.45 -56.10
C TRP B 112 27.82 6.34 -57.00
N GLY B 113 26.99 5.31 -57.17
CA GLY B 113 27.34 4.16 -57.99
C GLY B 113 27.04 4.38 -59.45
N GLN B 114 27.27 3.32 -60.23
CA GLN B 114 27.08 3.40 -61.68
C GLN B 114 25.61 3.24 -62.04
N GLY B 115 25.02 2.09 -61.70
CA GLY B 115 23.64 1.80 -62.02
C GLY B 115 23.42 0.38 -62.47
N THR B 116 22.50 -0.33 -61.82
CA THR B 116 22.20 -1.71 -62.15
C THR B 116 20.73 -2.03 -61.85
N ILE C 2 -44.84 -26.30 22.43
CA ILE C 2 -44.15 -25.74 21.28
C ILE C 2 -43.80 -26.87 20.32
N GLN C 3 -43.85 -26.60 19.03
CA GLN C 3 -43.52 -27.59 18.00
C GLN C 3 -42.51 -26.99 17.04
N MET C 4 -41.46 -27.75 16.71
CA MET C 4 -40.49 -27.36 15.72
C MET C 4 -40.50 -28.36 14.57
N ILE C 5 -40.31 -27.87 13.36
CA ILE C 5 -40.30 -28.71 12.17
C ILE C 5 -38.92 -28.64 11.53
N GLN C 6 -38.55 -29.71 10.85
CA GLN C 6 -37.29 -29.80 10.13
C GLN C 6 -37.65 -29.76 8.65
N SER C 7 -37.27 -28.68 7.97
CA SER C 7 -37.85 -28.42 6.65
C SER C 7 -37.33 -29.32 5.53
N PRO C 8 -36.05 -29.68 5.44
CA PRO C 8 -35.72 -30.83 4.59
C PRO C 8 -35.71 -32.12 5.40
N SER C 9 -35.97 -33.23 4.72
CA SER C 9 -35.94 -34.53 5.37
C SER C 9 -34.67 -35.29 5.07
N SER C 10 -34.09 -35.10 3.89
CA SER C 10 -32.81 -35.70 3.53
C SER C 10 -32.14 -34.79 2.52
N MET C 11 -30.82 -34.91 2.44
CA MET C 11 -30.05 -34.11 1.51
C MET C 11 -28.94 -34.97 0.94
N PHE C 12 -28.70 -34.83 -0.36
CA PHE C 12 -27.78 -35.70 -1.08
C PHE C 12 -26.57 -34.94 -1.61
N VAL C 19 -27.24 -27.63 0.96
CA VAL C 19 -26.67 -27.79 2.29
C VAL C 19 -27.06 -26.63 3.19
N SER C 20 -28.04 -25.85 2.75
CA SER C 20 -28.59 -24.77 3.57
C SER C 20 -29.86 -25.28 4.25
N LEU C 21 -29.67 -26.20 5.19
CA LEU C 21 -30.77 -26.81 5.91
C LEU C 21 -31.29 -25.85 6.98
N SER C 22 -32.61 -25.78 7.13
CA SER C 22 -33.24 -24.79 7.99
C SER C 22 -34.31 -25.46 8.83
N CYS C 23 -34.82 -24.71 9.80
CA CYS C 23 -35.88 -25.20 10.67
C CYS C 23 -36.70 -24.01 11.17
N ARG C 24 -38.02 -24.19 11.19
CA ARG C 24 -38.91 -23.17 11.70
C ARG C 24 -39.30 -23.48 13.13
N ALA C 25 -40.26 -22.73 13.66
CA ALA C 25 -40.76 -22.95 15.00
C ALA C 25 -42.21 -22.49 15.08
N SER C 26 -42.89 -22.94 16.13
CA SER C 26 -44.27 -22.54 16.34
C SER C 26 -44.37 -21.09 16.78
N GLN C 27 -43.43 -20.64 17.61
CA GLN C 27 -43.41 -19.29 18.16
C GLN C 27 -42.07 -18.65 17.84
N ASP C 28 -41.82 -17.49 18.42
CA ASP C 28 -40.49 -16.90 18.40
C ASP C 28 -39.71 -17.35 19.62
N ILE C 29 -38.42 -17.59 19.45
CA ILE C 29 -37.60 -18.17 20.51
C ILE C 29 -36.39 -17.29 20.86
N ARG C 30 -36.22 -16.15 20.19
CA ARG C 30 -35.27 -15.09 20.55
C ARG C 30 -33.83 -15.59 20.55
N GLY C 31 -33.37 -16.07 19.41
CA GLY C 31 -32.14 -16.86 19.40
C GLY C 31 -32.44 -18.18 20.04
N ASN C 32 -31.61 -18.57 21.01
CA ASN C 32 -31.83 -19.73 21.89
C ASN C 32 -32.02 -21.03 21.10
N LEU C 33 -31.06 -21.32 20.23
CA LEU C 33 -31.16 -22.54 19.44
C LEU C 33 -29.78 -23.11 19.18
N ASP C 34 -29.65 -24.42 19.34
CA ASP C 34 -28.40 -25.13 19.18
C ASP C 34 -28.47 -26.08 18.00
N TRP C 35 -27.31 -26.57 17.55
CA TRP C 35 -27.23 -27.52 16.46
C TRP C 35 -26.33 -28.68 16.88
N TYR C 36 -26.88 -29.89 16.85
CA TYR C 36 -26.17 -31.09 17.27
C TYR C 36 -25.98 -32.01 16.07
N GLN C 37 -24.93 -32.83 16.11
CA GLN C 37 -24.68 -33.79 15.05
C GLN C 37 -24.37 -35.14 15.65
N GLN C 38 -24.94 -36.19 15.06
CA GLN C 38 -24.84 -37.54 15.61
C GLN C 38 -24.13 -38.43 14.60
N LYS C 39 -22.93 -38.87 14.95
CA LYS C 39 -22.23 -39.86 14.14
C LYS C 39 -22.94 -41.20 14.26
N PRO C 40 -22.86 -42.06 13.23
CA PRO C 40 -23.53 -43.37 13.31
C PRO C 40 -22.90 -44.33 14.31
N GLY C 41 -21.73 -44.01 14.87
CA GLY C 41 -21.20 -44.81 15.97
C GLY C 41 -22.00 -44.65 17.25
N GLY C 42 -22.60 -43.48 17.47
CA GLY C 42 -23.40 -43.23 18.65
C GLY C 42 -22.85 -42.11 19.52
N THR C 43 -22.17 -41.16 18.91
CA THR C 43 -21.56 -40.04 19.63
C THR C 43 -22.20 -38.74 19.15
N ILE C 44 -22.53 -37.87 20.10
CA ILE C 44 -23.20 -36.60 19.83
C ILE C 44 -22.36 -35.47 20.39
N LYS C 45 -22.15 -34.43 19.58
CA LYS C 45 -21.48 -33.22 20.02
C LYS C 45 -22.14 -32.04 19.34
N LEU C 46 -22.16 -30.90 20.02
CA LEU C 46 -22.83 -29.76 19.42
C LEU C 46 -21.88 -28.99 18.51
N LEU C 47 -22.46 -28.22 17.61
CA LEU C 47 -21.70 -27.45 16.64
C LEU C 47 -21.89 -25.96 16.83
N ILE C 48 -23.13 -25.50 16.89
CA ILE C 48 -23.48 -24.10 17.00
C ILE C 48 -24.30 -23.93 18.27
N TYR C 49 -24.04 -22.86 19.03
CA TYR C 49 -24.92 -22.53 20.14
C TYR C 49 -25.28 -21.06 20.11
N SER C 50 -26.52 -20.77 20.55
CA SER C 50 -27.14 -19.45 20.49
C SER C 50 -27.13 -18.90 19.06
N THR C 51 -27.37 -19.79 18.09
CA THR C 51 -27.74 -19.62 16.69
C THR C 51 -26.67 -18.98 15.81
N SER C 52 -25.57 -18.49 16.41
CA SER C 52 -24.52 -17.86 15.62
C SER C 52 -23.11 -18.24 16.04
N ASN C 53 -22.87 -18.66 17.27
CA ASN C 53 -21.51 -18.91 17.75
C ASN C 53 -21.04 -20.28 17.28
N LEU C 54 -19.83 -20.65 17.66
CA LEU C 54 -19.30 -21.96 17.34
C LEU C 54 -18.72 -22.61 18.59
N ASN C 55 -18.73 -23.93 18.62
CA ASN C 55 -18.18 -24.67 19.74
C ASN C 55 -16.65 -24.61 19.70
N SER C 56 -16.04 -24.85 20.85
CA SER C 56 -14.57 -24.86 20.94
C SER C 56 -14.08 -26.24 20.52
N GLY C 57 -13.67 -26.35 19.26
CA GLY C 57 -13.20 -27.63 18.74
C GLY C 57 -13.94 -28.10 17.52
N VAL C 58 -14.51 -27.17 16.75
CA VAL C 58 -15.20 -27.51 15.50
C VAL C 58 -14.44 -26.85 14.36
N PRO C 59 -14.31 -27.51 13.20
CA PRO C 59 -13.76 -26.83 12.04
C PRO C 59 -14.67 -25.73 11.53
N SER C 60 -14.04 -24.72 10.95
CA SER C 60 -14.65 -23.46 10.51
C SER C 60 -15.69 -23.48 9.38
N ARG C 61 -15.77 -24.55 8.62
CA ARG C 61 -16.72 -24.57 7.51
C ARG C 61 -18.16 -24.34 7.96
N PHE C 62 -18.56 -24.94 9.09
CA PHE C 62 -19.92 -24.75 9.59
C PHE C 62 -20.18 -23.30 9.98
N SER C 63 -21.40 -22.85 9.74
CA SER C 63 -21.86 -21.50 10.09
C SER C 63 -23.36 -21.53 10.26
N GLY C 64 -23.86 -20.63 11.10
CA GLY C 64 -25.29 -20.57 11.38
C GLY C 64 -25.83 -19.17 11.11
N SER C 65 -27.11 -19.13 10.80
CA SER C 65 -27.82 -17.89 10.54
C SER C 65 -29.00 -17.77 11.50
N GLY C 66 -29.45 -16.54 11.72
CA GLY C 66 -30.48 -16.28 12.69
C GLY C 66 -31.55 -15.36 12.13
N SER C 67 -32.68 -15.34 12.84
CA SER C 67 -33.83 -14.54 12.47
C SER C 67 -34.68 -14.35 13.71
N GLY C 68 -35.94 -13.98 13.51
CA GLY C 68 -36.88 -13.97 14.61
C GLY C 68 -37.37 -15.35 14.97
N SER C 69 -37.80 -16.13 13.98
CA SER C 69 -38.33 -17.47 14.25
C SER C 69 -37.91 -18.56 13.27
N ASP C 70 -37.13 -18.27 12.23
CA ASP C 70 -36.83 -19.24 11.17
C ASP C 70 -35.31 -19.32 11.00
N TYR C 71 -34.68 -20.36 11.53
CA TYR C 71 -33.23 -20.40 11.66
C TYR C 71 -32.65 -21.42 10.69
N SER C 72 -31.36 -21.35 10.45
CA SER C 72 -30.76 -22.18 9.42
C SER C 72 -29.28 -22.41 9.67
N LEU C 73 -28.81 -23.60 9.33
CA LEU C 73 -27.41 -23.96 9.34
C LEU C 73 -26.86 -23.91 7.91
N THR C 74 -25.59 -23.55 7.78
CA THR C 74 -24.99 -23.38 6.47
C THR C 74 -23.59 -23.96 6.46
N ILE C 75 -23.32 -24.85 5.50
CA ILE C 75 -22.00 -25.42 5.29
C ILE C 75 -21.49 -24.94 3.93
N SER C 76 -20.22 -24.55 3.86
CA SER C 76 -19.67 -24.10 2.58
C SER C 76 -19.23 -25.29 1.73
N SER C 77 -18.27 -26.07 2.23
CA SER C 77 -17.73 -27.21 1.51
C SER C 77 -17.94 -28.49 2.31
N LEU C 78 -18.12 -29.60 1.61
CA LEU C 78 -18.41 -30.87 2.25
C LEU C 78 -17.11 -31.60 2.58
N GLU C 79 -17.24 -32.84 3.02
CA GLU C 79 -16.14 -33.61 3.58
C GLU C 79 -16.62 -35.06 3.68
N SER C 80 -15.67 -35.98 3.83
CA SER C 80 -15.98 -37.41 3.82
C SER C 80 -16.81 -37.82 5.04
N GLU C 81 -16.26 -37.62 6.24
CA GLU C 81 -16.96 -37.99 7.47
C GLU C 81 -17.87 -36.88 7.99
N ASP C 82 -18.20 -35.91 7.14
CA ASP C 82 -19.22 -34.90 7.45
C ASP C 82 -20.63 -35.48 7.38
N PHE C 83 -20.78 -36.67 6.80
CA PHE C 83 -22.08 -37.26 6.50
C PHE C 83 -22.69 -37.81 7.78
N ALA C 84 -23.50 -36.98 8.44
CA ALA C 84 -24.18 -37.37 9.67
C ALA C 84 -25.41 -36.49 9.83
N ASP C 85 -26.42 -37.04 10.50
CA ASP C 85 -27.70 -36.34 10.63
C ASP C 85 -27.62 -35.23 11.69
N TYR C 86 -28.32 -34.13 11.42
CA TYR C 86 -28.19 -32.89 12.17
C TYR C 86 -29.49 -32.58 12.87
N TYR C 87 -29.42 -32.31 14.17
CA TYR C 87 -30.59 -31.99 14.99
C TYR C 87 -30.54 -30.54 15.45
N CYS C 88 -31.70 -30.01 15.80
CA CYS C 88 -31.82 -28.66 16.33
C CYS C 88 -32.62 -28.69 17.62
N LEU C 89 -32.26 -27.83 18.56
CA LEU C 89 -32.85 -27.82 19.89
C LEU C 89 -33.20 -26.40 20.29
N GLN C 90 -34.41 -26.20 20.80
CA GLN C 90 -34.77 -24.93 21.40
C GLN C 90 -34.69 -25.04 22.92
N ARG C 91 -34.32 -23.95 23.56
CA ARG C 91 -34.23 -23.94 25.02
C ARG C 91 -34.96 -22.74 25.61
N ASN C 92 -35.99 -22.26 24.91
CA ASN C 92 -36.71 -21.07 25.35
C ASN C 92 -37.55 -21.36 26.58
N ALA C 93 -38.29 -22.46 26.59
CA ALA C 93 -39.17 -22.79 27.69
C ALA C 93 -39.31 -24.29 27.81
N TYR C 94 -39.39 -24.79 29.05
CA TYR C 94 -39.51 -26.22 29.27
C TYR C 94 -40.91 -26.69 28.92
N PRO C 95 -41.07 -27.88 28.33
CA PRO C 95 -40.06 -28.90 27.99
C PRO C 95 -39.26 -28.59 26.72
N LEU C 96 -38.10 -29.20 26.60
CA LEU C 96 -37.24 -28.96 25.46
C LEU C 96 -37.67 -29.85 24.30
N THR C 97 -37.78 -29.26 23.12
CA THR C 97 -38.25 -29.98 21.93
C THR C 97 -37.17 -29.96 20.88
N PHE C 98 -36.84 -31.14 20.35
CA PHE C 98 -35.89 -31.28 19.25
C PHE C 98 -36.59 -31.10 17.92
N GLY C 99 -35.86 -31.36 16.84
CA GLY C 99 -36.40 -31.35 15.50
C GLY C 99 -36.58 -32.75 14.96
N GLY C 100 -36.59 -32.85 13.64
CA GLY C 100 -36.69 -34.13 12.98
C GLY C 100 -35.34 -34.71 12.62
N GLY C 101 -34.52 -33.92 11.95
CA GLY C 101 -33.21 -34.38 11.54
C GLY C 101 -33.12 -34.66 10.06
N THR C 102 -32.02 -34.26 9.44
CA THR C 102 -31.79 -34.45 8.02
C THR C 102 -30.68 -35.49 7.86
N LYS C 103 -31.02 -36.68 7.39
CA LYS C 103 -30.02 -37.71 7.16
C LYS C 103 -29.13 -37.29 6.00
N LEU C 104 -27.91 -36.87 6.31
CA LEU C 104 -27.01 -36.29 5.34
C LEU C 104 -25.88 -37.26 5.02
N GLN D 1 -10.02 -34.08 31.19
CA GLN D 1 -10.74 -35.20 30.63
C GLN D 1 -12.01 -35.46 31.43
N VAL D 2 -13.16 -35.35 30.77
CA VAL D 2 -14.46 -35.56 31.38
C VAL D 2 -15.10 -36.78 30.73
N GLN D 3 -15.53 -37.74 31.55
CA GLN D 3 -16.12 -38.97 31.06
C GLN D 3 -17.47 -39.19 31.70
N LEU D 4 -18.43 -39.64 30.92
CA LEU D 4 -19.76 -40.03 31.40
C LEU D 4 -19.94 -41.49 31.03
N GLN D 5 -19.84 -42.38 32.01
CA GLN D 5 -19.82 -43.82 31.78
C GLN D 5 -21.15 -44.41 32.23
N GLN D 6 -21.91 -44.93 31.27
CA GLN D 6 -23.18 -45.56 31.59
C GLN D 6 -23.02 -47.07 31.72
N SER D 7 -24.09 -47.73 32.15
CA SER D 7 -24.07 -49.17 32.32
C SER D 7 -24.35 -49.87 31.00
N GLY D 8 -24.31 -51.20 31.02
CA GLY D 8 -24.59 -51.98 29.84
C GLY D 8 -26.07 -52.13 29.58
N THR D 9 -26.40 -52.87 28.52
CA THR D 9 -27.78 -53.03 28.11
C THR D 9 -28.44 -54.20 28.82
N GLU D 10 -29.76 -54.11 28.96
CA GLU D 10 -30.57 -55.18 29.53
C GLU D 10 -32.00 -55.02 29.03
N LEU D 11 -32.83 -56.00 29.35
CA LEU D 11 -34.24 -55.99 28.98
C LEU D 11 -35.06 -56.60 30.11
N ALA D 12 -36.36 -56.36 30.05
CA ALA D 12 -37.25 -56.87 31.09
C ALA D 12 -38.61 -57.20 30.47
N LYS D 13 -39.32 -58.11 31.13
CA LYS D 13 -40.65 -58.47 30.73
C LYS D 13 -41.61 -57.31 30.99
N PRO D 14 -42.68 -57.20 30.20
CA PRO D 14 -43.62 -56.07 30.38
C PRO D 14 -44.36 -56.15 31.70
N GLY D 15 -44.36 -55.04 32.42
CA GLY D 15 -44.94 -54.97 33.75
C GLY D 15 -43.93 -54.81 34.87
N ALA D 16 -42.64 -54.95 34.58
CA ALA D 16 -41.60 -54.83 35.58
C ALA D 16 -40.95 -53.46 35.51
N SER D 17 -39.93 -53.26 36.34
CA SER D 17 -39.17 -52.03 36.40
C SER D 17 -37.68 -52.33 36.22
N VAL D 18 -36.92 -51.27 35.99
CA VAL D 18 -35.49 -51.41 35.71
C VAL D 18 -34.82 -50.09 36.09
N LYS D 19 -33.55 -50.17 36.46
CA LYS D 19 -32.77 -49.01 36.91
C LYS D 19 -31.45 -48.95 36.16
N MET D 20 -31.05 -47.75 35.78
CA MET D 20 -29.80 -47.48 35.08
C MET D 20 -28.94 -46.55 35.91
N SER D 21 -27.79 -46.17 35.35
CA SER D 21 -26.88 -45.27 36.04
C SER D 21 -25.97 -44.58 35.04
N CYS D 22 -25.56 -43.37 35.38
CA CYS D 22 -24.65 -42.56 34.56
C CYS D 22 -23.57 -42.01 35.50
N LYS D 23 -22.49 -42.78 35.68
CA LYS D 23 -21.45 -42.38 36.60
C LYS D 23 -20.54 -41.33 35.97
N ALA D 24 -20.41 -40.20 36.65
CA ALA D 24 -19.67 -39.05 36.14
C ALA D 24 -18.35 -38.93 36.87
N SER D 25 -17.29 -38.65 36.13
CA SER D 25 -15.97 -38.49 36.72
C SER D 25 -15.14 -37.58 35.84
N GLY D 26 -14.28 -36.80 36.46
CA GLY D 26 -13.42 -35.87 35.77
C GLY D 26 -13.71 -34.41 36.04
N TYR D 27 -14.83 -34.11 36.70
CA TYR D 27 -15.19 -32.73 37.03
C TYR D 27 -15.72 -32.69 38.45
N THR D 28 -16.19 -31.51 38.85
CA THR D 28 -16.77 -31.31 40.18
C THR D 28 -18.26 -31.60 40.12
N PHE D 29 -18.66 -32.68 40.79
CA PHE D 29 -20.07 -33.02 40.90
C PHE D 29 -20.76 -32.03 41.84
N THR D 30 -22.09 -32.05 41.83
CA THR D 30 -22.96 -31.11 42.58
C THR D 30 -22.71 -29.66 42.20
N ASN D 31 -22.45 -29.39 40.92
CA ASN D 31 -22.53 -28.05 40.37
C ASN D 31 -23.31 -27.98 39.08
N TYR D 32 -23.49 -29.10 38.38
CA TYR D 32 -23.98 -29.16 37.02
C TYR D 32 -25.21 -30.05 37.02
N TRP D 33 -26.27 -29.62 36.33
CA TRP D 33 -27.46 -30.45 36.25
C TRP D 33 -27.22 -31.65 35.36
N MET D 34 -27.98 -32.72 35.58
CA MET D 34 -27.81 -33.97 34.85
C MET D 34 -29.11 -34.28 34.13
N HIS D 35 -29.13 -34.09 32.82
CA HIS D 35 -30.32 -34.31 32.01
C HIS D 35 -30.34 -35.74 31.47
N TRP D 36 -31.52 -36.14 30.97
CA TRP D 36 -31.74 -37.51 30.50
C TRP D 36 -32.59 -37.51 29.24
N PHE D 37 -32.24 -38.38 28.29
CA PHE D 37 -32.86 -38.36 26.97
C PHE D 37 -33.27 -39.76 26.53
N LYS D 38 -34.12 -39.80 25.51
CA LYS D 38 -34.69 -41.03 24.97
C LYS D 38 -34.70 -40.97 23.45
N GLN D 39 -34.16 -42.00 22.80
CA GLN D 39 -34.14 -42.06 21.33
C GLN D 39 -34.70 -43.40 20.88
N ARG D 40 -35.97 -43.39 20.49
CA ARG D 40 -36.55 -44.54 19.81
C ARG D 40 -35.86 -44.71 18.46
N PRO D 41 -35.40 -45.93 18.12
CA PRO D 41 -34.57 -46.10 16.92
C PRO D 41 -35.33 -45.82 15.63
N GLY D 42 -34.74 -44.93 14.82
CA GLY D 42 -35.38 -44.43 13.62
C GLY D 42 -36.05 -43.09 13.77
N GLN D 43 -36.03 -42.51 14.96
CA GLN D 43 -36.69 -41.24 15.23
C GLN D 43 -35.71 -40.30 15.93
N GLY D 44 -36.16 -39.09 16.22
CA GLY D 44 -35.34 -38.10 16.88
C GLY D 44 -35.25 -38.32 18.37
N LEU D 45 -34.51 -37.43 19.04
CA LEU D 45 -34.35 -37.51 20.48
C LEU D 45 -35.55 -36.90 21.18
N GLU D 46 -35.56 -37.02 22.50
CA GLU D 46 -36.68 -36.54 23.30
C GLU D 46 -36.19 -36.31 24.73
N TRP D 47 -36.65 -35.24 25.35
CA TRP D 47 -36.21 -34.84 26.68
C TRP D 47 -37.08 -35.51 27.74
N ILE D 48 -36.45 -36.02 28.79
CA ILE D 48 -37.15 -36.71 29.86
C ILE D 48 -37.25 -35.84 31.10
N GLY D 49 -36.11 -35.37 31.59
CA GLY D 49 -36.08 -34.53 32.77
C GLY D 49 -34.67 -34.32 33.22
N TYR D 50 -34.52 -33.78 34.43
CA TYR D 50 -33.20 -33.62 35.02
C TYR D 50 -33.27 -33.86 36.51
N VAL D 51 -32.11 -33.74 37.15
CA VAL D 51 -31.98 -33.80 38.60
C VAL D 51 -30.90 -32.81 38.99
N ASN D 52 -31.16 -32.05 40.04
CA ASN D 52 -30.20 -31.07 40.53
C ASN D 52 -29.42 -31.70 41.66
N PRO D 53 -28.17 -32.12 41.45
CA PRO D 53 -27.46 -32.87 42.51
C PRO D 53 -27.04 -32.00 43.69
N ASN D 54 -27.19 -30.69 43.60
CA ASN D 54 -26.85 -29.81 44.71
C ASN D 54 -27.97 -29.74 45.73
N THR D 55 -29.23 -29.73 45.27
CA THR D 55 -30.38 -29.55 46.13
C THR D 55 -31.39 -30.69 46.07
N ASP D 56 -31.13 -31.72 45.25
CA ASP D 56 -31.97 -32.92 45.10
C ASP D 56 -33.40 -32.57 44.65
N TYR D 57 -33.51 -31.60 43.75
CA TYR D 57 -34.79 -31.12 43.25
C TYR D 57 -34.89 -31.44 41.76
N THR D 58 -35.95 -32.13 41.36
CA THR D 58 -36.10 -32.64 40.01
C THR D 58 -37.21 -31.91 39.27
N ASP D 59 -37.30 -32.18 37.98
CA ASP D 59 -38.31 -31.61 37.10
C ASP D 59 -38.42 -32.51 35.88
N TYR D 60 -39.63 -32.95 35.57
CA TYR D 60 -39.87 -33.97 34.57
C TYR D 60 -40.58 -33.37 33.36
N ASN D 61 -40.47 -34.07 32.24
CA ASN D 61 -41.35 -33.79 31.11
C ASN D 61 -42.75 -34.27 31.46
N HIS D 62 -43.76 -33.64 30.86
CA HIS D 62 -45.13 -33.99 31.18
C HIS D 62 -45.51 -35.37 30.66
N LYS D 63 -44.88 -35.80 29.57
CA LYS D 63 -45.17 -37.11 29.01
C LYS D 63 -44.58 -38.22 29.87
N PHE D 64 -43.41 -37.98 30.47
CA PHE D 64 -42.73 -38.97 31.29
C PHE D 64 -42.85 -38.68 32.77
N LYS D 65 -43.99 -38.15 33.21
CA LYS D 65 -44.16 -37.80 34.61
C LYS D 65 -44.33 -39.04 35.48
N ASP D 66 -45.05 -40.05 34.97
CA ASP D 66 -45.36 -41.23 35.75
C ASP D 66 -44.45 -42.41 35.47
N LYS D 67 -43.65 -42.35 34.42
CA LYS D 67 -42.76 -43.47 34.10
C LYS D 67 -41.48 -43.42 34.93
N ALA D 68 -40.72 -42.34 34.79
CA ALA D 68 -39.35 -42.29 35.30
C ALA D 68 -39.27 -41.58 36.64
N THR D 69 -38.30 -41.99 37.45
CA THR D 69 -37.92 -41.29 38.66
C THR D 69 -36.42 -41.00 38.60
N LEU D 70 -36.01 -39.90 39.23
CA LEU D 70 -34.66 -39.37 39.07
C LEU D 70 -34.07 -39.09 40.43
N THR D 71 -32.94 -39.73 40.72
CA THR D 71 -32.21 -39.55 41.97
C THR D 71 -30.78 -39.12 41.67
N ALA D 72 -30.01 -38.95 42.74
CA ALA D 72 -28.61 -38.57 42.63
C ALA D 72 -27.87 -39.08 43.85
N ASP D 73 -26.57 -39.33 43.68
CA ASP D 73 -25.74 -39.86 44.75
C ASP D 73 -24.44 -39.06 44.80
N LYS D 74 -24.20 -38.39 45.92
CA LYS D 74 -23.00 -37.57 46.03
C LYS D 74 -21.76 -38.39 46.37
N SER D 75 -21.92 -39.50 47.09
CA SER D 75 -20.77 -40.25 47.58
C SER D 75 -20.07 -41.00 46.46
N SER D 76 -20.84 -41.64 45.58
CA SER D 76 -20.29 -42.42 44.49
C SER D 76 -20.28 -41.67 43.17
N SER D 77 -20.81 -40.44 43.14
CA SER D 77 -20.87 -39.56 41.96
C SER D 77 -21.60 -40.23 40.81
N THR D 78 -22.87 -40.57 41.06
CA THR D 78 -23.65 -41.37 40.13
C THR D 78 -25.08 -40.85 40.08
N ALA D 79 -25.61 -40.72 38.87
CA ALA D 79 -26.99 -40.31 38.66
C ALA D 79 -27.78 -41.51 38.14
N TYR D 80 -28.89 -41.82 38.81
CA TYR D 80 -29.71 -42.98 38.49
C TYR D 80 -31.01 -42.53 37.83
N MET D 81 -31.62 -43.44 37.08
CA MET D 81 -32.95 -43.19 36.53
C MET D 81 -33.69 -44.50 36.42
N GLN D 82 -34.73 -44.66 37.24
CA GLN D 82 -35.48 -45.91 37.34
C GLN D 82 -36.81 -45.77 36.63
N LEU D 83 -37.07 -46.65 35.68
CA LEU D 83 -38.35 -46.69 35.00
C LEU D 83 -39.36 -47.50 35.80
N SER D 84 -40.61 -47.51 35.32
CA SER D 84 -41.67 -48.25 35.99
C SER D 84 -42.76 -48.56 34.99
N SER D 85 -43.36 -49.74 35.13
CA SER D 85 -44.45 -50.25 34.29
C SER D 85 -44.05 -50.27 32.81
N LEU D 86 -43.08 -51.12 32.50
CA LEU D 86 -42.54 -51.19 31.15
C LEU D 86 -43.53 -51.82 30.19
N THR D 87 -43.58 -51.28 28.98
CA THR D 87 -44.36 -51.82 27.88
C THR D 87 -43.44 -52.05 26.69
N SER D 88 -44.03 -52.32 25.53
CA SER D 88 -43.25 -52.46 24.31
C SER D 88 -42.86 -51.11 23.73
N GLU D 89 -43.53 -50.03 24.12
CA GLU D 89 -43.19 -48.70 23.64
C GLU D 89 -42.05 -48.06 24.43
N ASP D 90 -41.61 -48.67 25.52
CA ASP D 90 -40.50 -48.15 26.32
C ASP D 90 -39.18 -48.81 25.98
N SER D 91 -38.97 -49.18 24.72
CA SER D 91 -37.73 -49.81 24.28
C SER D 91 -36.97 -48.84 23.40
N ALA D 92 -35.90 -48.26 23.93
CA ALA D 92 -35.10 -47.27 23.22
C ALA D 92 -33.72 -47.22 23.85
N VAL D 93 -32.87 -46.33 23.36
CA VAL D 93 -31.59 -46.03 23.99
C VAL D 93 -31.76 -44.79 24.86
N TYR D 94 -30.98 -44.73 25.94
CA TYR D 94 -31.17 -43.73 27.00
C TYR D 94 -29.84 -43.02 27.25
N PHE D 95 -29.86 -41.69 27.14
CA PHE D 95 -28.68 -40.86 27.22
C PHE D 95 -28.66 -40.05 28.50
N CYS D 96 -27.47 -39.58 28.87
CA CYS D 96 -27.30 -38.65 29.97
C CYS D 96 -26.34 -37.56 29.53
N ALA D 97 -26.66 -36.31 29.87
CA ALA D 97 -25.85 -35.17 29.46
C ALA D 97 -25.61 -34.26 30.66
N ARG D 98 -24.63 -33.38 30.51
CA ARG D 98 -24.27 -32.42 31.54
C ARG D 98 -24.70 -31.04 31.09
N GLY D 99 -25.23 -30.24 32.02
CA GLY D 99 -25.69 -28.92 31.68
C GLY D 99 -24.56 -27.91 31.64
N THR D 100 -24.74 -26.77 32.31
CA THR D 100 -23.74 -25.72 32.32
C THR D 100 -23.64 -25.22 33.76
N PHE D 101 -22.56 -24.49 34.07
CA PHE D 101 -22.40 -23.93 35.41
C PHE D 101 -23.44 -22.87 35.70
N GLY D 102 -23.95 -22.19 34.68
CA GLY D 102 -24.95 -21.17 34.84
C GLY D 102 -26.37 -21.63 34.62
N ASN D 103 -26.60 -22.96 34.53
CA ASN D 103 -27.91 -23.58 34.31
C ASN D 103 -28.58 -23.10 33.03
N TYR D 104 -27.85 -23.21 31.92
CA TYR D 104 -28.35 -22.74 30.64
C TYR D 104 -28.80 -23.85 29.70
N ALA D 105 -28.65 -25.12 30.10
CA ALA D 105 -29.03 -26.29 29.30
C ALA D 105 -28.33 -26.33 27.94
N SER D 106 -27.00 -26.29 27.97
CA SER D 106 -26.16 -26.65 26.83
C SER D 106 -25.45 -27.95 27.14
N PHE D 107 -25.19 -28.74 26.10
CA PHE D 107 -25.03 -30.18 26.24
C PHE D 107 -23.70 -30.64 25.64
N ALA D 108 -22.62 -30.00 26.08
CA ALA D 108 -21.30 -30.26 25.51
C ALA D 108 -20.81 -31.68 25.74
N TYR D 109 -21.21 -32.32 26.85
CA TYR D 109 -20.70 -33.63 27.23
C TYR D 109 -21.85 -34.62 27.35
N TRP D 110 -21.65 -35.84 26.83
CA TRP D 110 -22.71 -36.81 26.65
C TRP D 110 -22.25 -38.18 27.14
N GLY D 111 -23.19 -39.14 27.13
CA GLY D 111 -22.89 -40.53 27.37
C GLY D 111 -22.93 -41.35 26.10
N GLN D 112 -22.81 -42.67 26.27
CA GLN D 112 -22.77 -43.55 25.10
C GLN D 112 -24.08 -44.29 24.84
N GLY D 113 -24.93 -44.47 25.83
CA GLY D 113 -26.21 -45.11 25.58
C GLY D 113 -26.45 -46.40 26.33
N THR D 114 -27.72 -46.74 26.53
CA THR D 114 -28.12 -47.96 27.22
C THR D 114 -29.38 -48.48 26.54
N LEU D 115 -29.26 -49.59 25.82
CA LEU D 115 -30.39 -50.11 25.07
C LEU D 115 -31.30 -50.91 25.98
N VAL D 116 -32.60 -50.69 25.87
CA VAL D 116 -33.56 -51.43 26.67
C VAL D 116 -34.46 -52.27 25.77
N ALA E 42 16.46 -25.70 15.14
CA ALA E 42 16.43 -24.35 15.67
C ALA E 42 16.88 -24.31 17.13
N ILE E 43 18.15 -23.97 17.33
CA ILE E 43 18.73 -23.90 18.67
C ILE E 43 18.33 -22.58 19.31
N GLN E 44 17.76 -22.64 20.51
CA GLN E 44 17.24 -21.46 21.21
C GLN E 44 18.26 -21.01 22.24
N THR E 45 18.92 -19.87 21.96
CA THR E 45 19.99 -19.35 22.79
C THR E 45 19.54 -18.07 23.48
N ARG E 46 20.16 -17.78 24.63
CA ARG E 46 19.83 -16.59 25.42
C ARG E 46 21.12 -15.96 25.93
N THR E 47 21.10 -14.64 26.10
CA THR E 47 22.23 -13.91 26.68
C THR E 47 21.71 -12.68 27.38
N VAL E 48 22.27 -12.38 28.56
CA VAL E 48 21.92 -11.19 29.34
C VAL E 48 22.39 -9.95 28.60
N ILE E 49 21.50 -8.98 28.44
CA ILE E 49 21.77 -7.75 27.70
C ILE E 49 21.84 -6.60 28.69
N ASN E 50 22.95 -5.87 28.66
CA ASN E 50 23.11 -4.62 29.42
C ASN E 50 23.56 -3.51 28.49
N GLN E 51 22.92 -2.35 28.62
CA GLN E 51 23.19 -1.23 27.72
C GLN E 51 22.68 0.06 28.35
N HIS E 52 23.32 1.16 27.98
CA HIS E 52 22.96 2.48 28.48
C HIS E 52 22.86 3.44 27.31
N GLY E 53 22.27 4.61 27.58
CA GLY E 53 22.28 5.70 26.64
C GLY E 53 21.24 5.59 25.54
N VAL E 54 20.64 6.72 25.19
CA VAL E 54 19.68 6.78 24.10
C VAL E 54 20.22 7.80 23.10
N SER E 55 20.99 7.31 22.12
CA SER E 55 21.45 8.18 21.05
C SER E 55 21.42 7.49 19.70
N GLU E 56 20.91 6.27 19.61
CA GLU E 56 20.81 5.58 18.33
C GLU E 56 19.40 5.62 17.77
N THR E 57 18.47 6.26 18.47
CA THR E 57 17.09 6.37 18.04
C THR E 57 16.71 7.81 17.74
N LEU E 58 17.67 8.71 17.70
CA LEU E 58 17.40 10.07 17.26
C LEU E 58 17.02 10.07 15.80
N VAL E 59 16.23 11.08 15.41
CA VAL E 59 15.75 11.13 14.03
C VAL E 59 16.89 11.46 13.08
N GLU E 60 17.90 12.20 13.55
CA GLU E 60 19.09 12.45 12.76
C GLU E 60 19.86 11.16 12.50
N ASN E 61 19.94 10.27 13.49
CA ASN E 61 20.63 9.00 13.32
C ASN E 61 19.75 7.92 12.72
N PHE E 62 18.45 8.16 12.58
CA PHE E 62 17.55 7.15 12.04
C PHE E 62 17.48 7.23 10.52
N LEU E 63 17.53 8.42 9.95
CA LEU E 63 17.35 8.65 8.52
C LEU E 63 18.65 9.18 7.93
N SER E 64 19.53 8.26 7.54
CA SER E 64 20.84 8.59 6.99
C SER E 64 21.35 7.40 6.20
N ARG E 65 22.68 7.37 6.00
CA ARG E 65 23.49 6.22 5.62
C ARG E 65 23.44 5.82 4.16
N ALA E 66 23.12 6.76 3.27
CA ALA E 66 23.53 6.73 1.86
C ALA E 66 22.98 5.53 1.09
N ALA E 67 21.67 5.47 0.97
CA ALA E 67 21.05 4.43 0.17
C ALA E 67 21.15 4.76 -1.31
N LEU E 68 21.28 3.73 -2.13
CA LEU E 68 21.29 3.90 -3.57
C LEU E 68 19.89 4.28 -4.04
N VAL E 69 19.81 5.23 -4.98
CA VAL E 69 18.54 5.73 -5.46
C VAL E 69 18.35 5.45 -6.95
N SER E 70 19.40 5.51 -7.75
CA SER E 70 19.24 5.36 -9.19
C SER E 70 20.48 4.75 -9.79
N LYS E 71 20.31 3.65 -10.53
CA LYS E 71 21.42 3.01 -11.25
C LYS E 71 20.96 2.72 -12.65
N ARG E 72 21.55 3.38 -13.63
CA ARG E 72 21.21 3.09 -15.02
C ARG E 72 22.41 3.36 -15.91
N SER E 73 22.64 2.48 -16.86
CA SER E 73 23.83 2.47 -17.70
C SER E 73 23.44 2.66 -19.16
N PHE E 74 24.25 3.39 -19.90
CA PHE E 74 24.04 3.57 -21.32
C PHE E 74 25.24 3.03 -22.09
N GLU E 75 24.96 2.16 -23.06
CA GLU E 75 25.95 1.29 -23.66
C GLU E 75 25.93 1.44 -25.17
N TYR E 76 26.88 0.77 -25.83
CA TYR E 76 27.05 0.90 -27.27
C TYR E 76 27.36 -0.46 -27.85
N LYS E 77 26.67 -0.82 -28.93
CA LYS E 77 26.85 -2.13 -29.55
C LYS E 77 27.03 -2.07 -31.07
N ASP E 78 26.64 -0.97 -31.71
CA ASP E 78 26.65 -0.87 -33.16
C ASP E 78 27.91 -0.17 -33.63
N HIS E 79 28.44 -0.63 -34.78
CA HIS E 79 29.58 0.07 -35.37
C HIS E 79 29.17 1.39 -36.01
N THR E 80 27.91 1.50 -36.44
CA THR E 80 27.40 2.74 -37.00
C THR E 80 26.02 3.03 -36.44
N SER E 81 25.75 4.30 -36.21
CA SER E 81 24.47 4.72 -35.65
C SER E 81 24.00 5.96 -36.39
N SER E 82 22.74 6.28 -36.19
CA SER E 82 22.14 7.45 -36.81
C SER E 82 22.62 8.71 -36.12
N ALA E 83 22.28 9.85 -36.70
CA ALA E 83 22.56 11.13 -36.06
C ALA E 83 21.45 11.54 -35.11
N ALA E 84 20.42 10.72 -34.95
CA ALA E 84 19.36 10.95 -33.97
C ALA E 84 19.48 10.05 -32.75
N GLN E 85 20.00 8.83 -32.93
CA GLN E 85 20.31 7.99 -31.79
C GLN E 85 21.51 8.55 -31.01
N ALA E 86 22.40 9.25 -31.69
CA ALA E 86 23.56 9.85 -31.07
C ALA E 86 23.24 11.11 -30.29
N ASP E 87 22.02 11.62 -30.36
CA ASP E 87 21.58 12.75 -29.53
C ASP E 87 20.71 12.30 -28.38
N LYS E 88 20.78 11.03 -28.02
CA LYS E 88 20.00 10.47 -26.92
C LYS E 88 20.88 9.63 -26.01
N ASN E 89 22.11 10.09 -25.78
CA ASN E 89 23.05 9.38 -24.91
C ASN E 89 23.15 10.01 -23.52
N PHE E 90 22.09 10.63 -23.04
CA PHE E 90 22.04 11.14 -21.67
C PHE E 90 20.86 10.51 -20.94
N PHE E 91 20.78 10.77 -19.64
CA PHE E 91 19.61 10.39 -18.88
C PHE E 91 19.29 11.47 -17.86
N LYS E 92 18.10 11.35 -17.27
CA LYS E 92 17.67 12.28 -16.24
C LYS E 92 16.74 11.53 -15.30
N TRP E 93 16.66 12.00 -14.06
CA TRP E 93 15.76 11.38 -13.10
C TRP E 93 15.35 12.42 -12.07
N THR E 94 14.05 12.51 -11.83
CA THR E 94 13.51 13.46 -10.87
C THR E 94 13.85 12.97 -9.47
N ILE E 95 14.13 13.91 -8.54
CA ILE E 95 14.70 13.52 -7.26
C ILE E 95 13.58 13.31 -6.24
N ASN E 96 12.37 13.05 -6.72
CA ASN E 96 11.36 12.46 -5.85
C ASN E 96 11.80 11.06 -5.44
N THR E 97 12.15 10.89 -4.17
CA THR E 97 12.88 9.73 -3.68
C THR E 97 11.98 8.60 -3.21
N ARG E 98 10.75 8.50 -3.73
CA ARG E 98 9.87 7.39 -3.41
C ARG E 98 10.00 6.28 -4.46
N SER E 99 11.25 5.89 -4.69
CA SER E 99 11.57 4.93 -5.74
C SER E 99 11.78 3.52 -5.21
N PHE E 100 12.67 3.34 -4.24
CA PHE E 100 12.92 2.03 -3.65
C PHE E 100 12.09 1.87 -2.40
N VAL E 101 11.36 0.76 -2.31
CA VAL E 101 10.44 0.53 -1.19
C VAL E 101 11.13 0.12 0.09
N GLN E 102 12.46 -0.04 0.08
CA GLN E 102 13.18 -0.22 1.33
C GLN E 102 13.26 1.09 2.10
N LEU E 103 13.40 2.21 1.38
CA LEU E 103 13.47 3.53 2.00
C LEU E 103 12.17 4.30 1.91
N ARG E 104 11.25 3.89 1.03
CA ARG E 104 9.95 4.54 0.96
C ARG E 104 9.11 4.24 2.18
N ARG E 105 9.11 2.98 2.63
CA ARG E 105 8.34 2.61 3.82
C ARG E 105 8.91 3.26 5.06
N LYS E 106 10.23 3.39 5.14
CA LYS E 106 10.88 4.03 6.27
C LYS E 106 10.64 5.53 6.28
N LEU E 107 10.43 6.14 5.13
CA LEU E 107 10.22 7.57 5.03
C LEU E 107 8.80 7.97 5.36
N GLU E 108 7.84 7.06 5.16
CA GLU E 108 6.42 7.31 5.38
C GLU E 108 5.98 7.05 6.82
N LEU E 109 6.90 7.09 7.77
CA LEU E 109 6.50 7.13 9.18
C LEU E 109 6.23 8.54 9.66
N PHE E 110 6.46 9.55 8.82
CA PHE E 110 6.32 10.93 9.22
C PHE E 110 5.42 11.65 8.22
N THR E 111 5.03 12.87 8.56
CA THR E 111 4.20 13.65 7.65
C THR E 111 4.99 14.76 6.97
N TYR E 112 5.77 15.53 7.73
CA TYR E 112 6.54 16.64 7.18
C TYR E 112 8.02 16.46 7.49
N LEU E 113 8.86 16.73 6.50
CA LEU E 113 10.30 16.55 6.63
C LEU E 113 11.02 17.78 6.10
N ARG E 114 12.28 17.91 6.47
CA ARG E 114 13.07 19.09 6.11
C ARG E 114 14.54 18.67 6.14
N PHE E 115 15.19 18.61 4.98
CA PHE E 115 16.54 18.07 4.92
C PHE E 115 17.25 18.62 3.67
N ASP E 116 18.40 18.04 3.36
CA ASP E 116 19.13 18.33 2.13
C ASP E 116 19.86 17.08 1.67
N ALA E 117 20.34 17.09 0.42
CA ALA E 117 20.48 15.84 -0.33
C ALA E 117 21.82 15.13 -0.20
N GLU E 118 22.93 15.78 -0.56
CA GLU E 118 24.28 15.22 -0.62
C GLU E 118 24.37 14.03 -1.60
N ILE E 119 24.24 14.36 -2.88
CA ILE E 119 24.39 13.39 -3.97
C ILE E 119 25.83 12.91 -4.04
N THR E 120 26.03 11.64 -4.40
CA THR E 120 27.35 11.08 -4.68
C THR E 120 27.27 10.16 -5.88
N ILE E 121 28.03 10.46 -6.93
CA ILE E 121 27.91 9.80 -8.22
C ILE E 121 29.13 8.92 -8.44
N LEU E 122 28.90 7.62 -8.61
CA LEU E 122 29.98 6.64 -8.77
C LEU E 122 29.91 6.03 -10.17
N THR E 123 31.04 6.00 -10.87
CA THR E 123 31.08 5.59 -12.27
C THR E 123 32.11 4.49 -12.48
N THR E 124 31.69 3.39 -13.08
CA THR E 124 32.57 2.28 -13.41
C THR E 124 32.45 1.93 -14.88
N VAL E 125 33.47 1.26 -15.47
CA VAL E 125 33.41 0.83 -16.91
C VAL E 125 33.43 -0.72 -17.25
N ALA E 126 32.95 -1.12 -18.44
CA ALA E 126 32.62 -2.54 -18.83
C ALA E 126 33.03 -2.96 -20.29
N VAL E 127 33.00 -4.26 -20.66
CA VAL E 127 33.45 -4.67 -21.99
C VAL E 127 32.35 -5.51 -22.62
N ASN E 128 32.01 -5.17 -23.86
CA ASN E 128 31.05 -5.89 -24.72
C ASN E 128 29.67 -5.91 -24.10
N THR E 134 40.47 -6.07 -29.48
CA THR E 134 40.89 -7.15 -28.59
C THR E 134 41.49 -6.60 -27.30
N TYR E 135 41.49 -5.27 -27.19
CA TYR E 135 42.14 -4.61 -26.07
C TYR E 135 41.24 -4.61 -24.83
N VAL E 136 41.86 -4.81 -23.67
CA VAL E 136 41.11 -5.08 -22.44
C VAL E 136 41.19 -3.96 -21.43
N GLY E 137 42.11 -3.01 -21.59
CA GLY E 137 42.24 -1.93 -20.63
C GLY E 137 41.14 -0.90 -20.77
N LEU E 138 40.70 -0.35 -19.67
CA LEU E 138 39.52 0.50 -19.71
C LEU E 138 39.93 1.96 -19.89
N PRO E 139 39.17 2.76 -20.64
CA PRO E 139 39.55 4.14 -20.88
C PRO E 139 39.31 5.03 -19.66
N ASP E 140 39.76 6.27 -19.78
CA ASP E 140 39.66 7.28 -18.72
C ASP E 140 38.97 8.49 -19.35
N LEU E 141 37.68 8.65 -19.08
CA LEU E 141 36.87 9.58 -19.83
C LEU E 141 36.01 10.44 -18.90
N THR E 142 35.64 11.62 -19.39
CA THR E 142 35.10 12.69 -18.57
C THR E 142 33.57 12.74 -18.70
N LEU E 143 32.90 12.99 -17.58
CA LEU E 143 31.45 13.10 -17.55
C LEU E 143 31.04 14.48 -17.06
N GLN E 144 29.74 14.77 -17.16
CA GLN E 144 29.15 16.01 -16.67
C GLN E 144 27.81 15.69 -16.05
N ALA E 145 27.53 16.25 -14.88
CA ALA E 145 26.26 16.02 -14.17
C ALA E 145 25.62 17.36 -13.83
N MET E 146 24.81 17.88 -14.73
CA MET E 146 24.16 19.17 -14.53
C MET E 146 22.92 19.01 -13.68
N PHE E 147 22.67 19.97 -12.79
CA PHE E 147 21.52 19.96 -11.89
C PHE E 147 20.54 21.04 -12.32
N VAL E 148 19.34 20.63 -12.72
CA VAL E 148 18.33 21.54 -13.24
C VAL E 148 17.25 21.73 -12.18
N PRO E 149 17.15 22.88 -11.53
CA PRO E 149 16.09 23.07 -10.53
C PRO E 149 14.73 23.30 -11.17
N THR E 150 13.72 23.59 -10.36
CA THR E 150 12.39 23.83 -10.87
C THR E 150 12.31 25.19 -11.54
N GLY E 151 11.59 25.25 -12.66
CA GLY E 151 11.46 26.48 -13.40
C GLY E 151 12.49 26.71 -14.46
N ALA E 152 13.49 25.86 -14.57
CA ALA E 152 14.45 25.91 -15.66
C ALA E 152 14.16 24.78 -16.64
N LEU E 153 14.56 24.98 -17.90
CA LEU E 153 14.28 24.01 -18.94
C LEU E 153 15.29 22.88 -18.91
N THR E 154 14.78 21.65 -18.90
CA THR E 154 15.64 20.48 -19.00
C THR E 154 16.06 20.27 -20.46
N PRO E 155 17.27 19.78 -20.71
CA PRO E 155 17.69 19.56 -22.09
C PRO E 155 16.99 18.36 -22.71
N GLU E 156 16.68 18.48 -24.00
CA GLU E 156 16.03 17.41 -24.75
C GLU E 156 16.98 16.66 -25.67
N LYS E 157 18.23 17.11 -25.73
CA LYS E 157 19.24 16.48 -26.58
C LYS E 157 20.56 16.38 -25.83
N GLN E 158 21.45 15.49 -26.27
CA GLN E 158 22.72 15.33 -25.58
C GLN E 158 23.49 16.63 -25.55
N ASP E 159 23.55 17.32 -26.68
CA ASP E 159 24.23 18.60 -26.67
C ASP E 159 23.25 19.67 -27.12
N SER E 160 22.99 20.62 -26.23
CA SER E 160 22.07 21.71 -26.48
C SER E 160 22.48 22.93 -25.67
N PHE E 161 22.00 24.10 -26.05
CA PHE E 161 22.40 25.31 -25.36
C PHE E 161 22.07 25.29 -23.87
N HIS E 162 21.46 24.23 -23.36
CA HIS E 162 21.15 24.15 -21.94
C HIS E 162 22.35 23.67 -21.14
N TRP E 163 23.18 22.82 -21.73
CA TRP E 163 24.35 22.29 -21.05
C TRP E 163 25.43 23.34 -20.85
N GLN E 164 25.36 24.45 -21.59
CA GLN E 164 26.35 25.50 -21.55
C GLN E 164 25.89 26.73 -20.78
N SER E 165 24.65 26.71 -20.28
CA SER E 165 24.10 27.84 -19.54
C SER E 165 24.76 27.94 -18.18
N GLY E 166 25.14 29.14 -17.79
CA GLY E 166 25.82 29.33 -16.53
C GLY E 166 24.94 29.26 -15.31
N SER E 167 23.63 29.37 -15.48
CA SER E 167 22.72 29.49 -14.34
C SER E 167 22.15 28.15 -13.88
N ASN E 168 23.03 27.17 -13.68
CA ASN E 168 22.78 25.88 -13.02
C ASN E 168 24.12 25.20 -12.79
N ALA E 169 24.21 24.49 -11.68
CA ALA E 169 25.49 24.00 -11.16
C ALA E 169 25.85 22.68 -11.83
N SER E 170 26.83 22.71 -12.72
CA SER E 170 27.33 21.52 -13.37
C SER E 170 28.64 21.11 -12.74
N VAL E 171 28.90 19.80 -12.70
CA VAL E 171 30.14 19.26 -12.15
C VAL E 171 30.82 18.42 -13.24
N PHE E 172 32.14 18.53 -13.34
CA PHE E 172 32.93 17.82 -14.33
C PHE E 172 33.91 16.92 -13.60
N PHE E 173 33.73 15.61 -13.74
CA PHE E 173 34.56 14.65 -13.04
C PHE E 173 35.00 13.54 -13.97
N LYS E 174 36.17 12.98 -13.71
CA LYS E 174 36.70 11.88 -14.50
C LYS E 174 36.28 10.54 -13.89
N ILE E 175 36.86 9.46 -14.37
CA ILE E 175 36.59 8.13 -13.83
C ILE E 175 37.78 7.71 -12.96
N SER E 176 38.96 8.22 -13.28
CA SER E 176 40.16 7.90 -12.52
C SER E 176 40.37 8.84 -11.34
N ASP E 177 39.32 9.41 -10.79
CA ASP E 177 39.32 10.24 -9.60
C ASP E 177 38.47 9.59 -8.51
N PRO E 178 38.55 10.11 -7.27
CA PRO E 178 37.49 9.79 -6.31
C PRO E 178 36.16 10.35 -6.78
N PRO E 179 35.06 9.71 -6.38
CA PRO E 179 33.76 10.06 -6.98
C PRO E 179 33.25 11.43 -6.57
N ALA E 180 32.37 11.98 -7.40
CA ALA E 180 31.92 13.35 -7.22
C ALA E 180 30.90 13.44 -6.10
N ARG E 181 30.81 14.63 -5.51
CA ARG E 181 29.90 14.86 -4.38
C ARG E 181 29.41 16.28 -4.45
N ILE E 182 28.09 16.45 -4.36
CA ILE E 182 27.43 17.74 -4.33
C ILE E 182 26.34 17.66 -3.27
N THR E 183 26.26 18.65 -2.40
CA THR E 183 25.08 18.77 -1.55
C THR E 183 24.11 19.78 -2.14
N ILE E 184 22.82 19.48 -2.00
CA ILE E 184 21.75 20.23 -2.65
C ILE E 184 20.83 20.75 -1.55
N PRO E 185 20.66 22.07 -1.39
CA PRO E 185 19.98 22.59 -0.20
C PRO E 185 18.48 22.36 -0.19
N PHE E 186 17.81 22.88 0.83
CA PHE E 186 16.37 22.72 0.97
C PHE E 186 15.66 23.68 0.02
N MET E 187 15.09 23.14 -1.06
CA MET E 187 14.47 24.00 -2.07
C MET E 187 12.99 23.76 -2.25
N CYS E 188 12.26 23.68 -1.15
CA CYS E 188 10.81 23.82 -1.21
C CYS E 188 10.45 25.29 -1.00
N ILE E 189 9.22 25.64 -1.29
CA ILE E 189 8.72 26.99 -1.01
C ILE E 189 7.72 27.00 0.13
N ASN E 190 7.40 25.85 0.69
CA ASN E 190 6.77 25.76 1.99
C ASN E 190 7.87 25.67 3.04
N SER E 191 7.53 25.32 4.27
CA SER E 191 8.54 25.16 5.29
C SER E 191 8.92 23.72 5.55
N ALA E 192 8.37 22.77 4.79
CA ALA E 192 8.61 21.35 4.95
C ALA E 192 8.12 20.61 3.72
N TYR E 193 8.72 19.45 3.45
CA TYR E 193 8.24 18.59 2.37
C TYR E 193 7.03 17.82 2.86
N SER E 194 5.91 17.95 2.15
CA SER E 194 4.73 17.17 2.49
C SER E 194 4.88 15.77 1.94
N VAL E 195 5.02 14.79 2.84
CA VAL E 195 5.13 13.41 2.40
C VAL E 195 3.78 12.89 1.92
N PHE E 196 2.74 13.08 2.72
CA PHE E 196 1.37 12.77 2.35
C PHE E 196 0.63 14.07 2.10
N TYR E 197 -0.02 14.18 0.95
CA TYR E 197 -0.73 15.39 0.55
C TYR E 197 -2.16 15.01 0.22
N ASP E 198 -3.11 15.58 0.96
CA ASP E 198 -4.53 15.26 0.80
C ASP E 198 -5.20 16.38 0.02
N GLY E 199 -4.96 16.41 -1.28
CA GLY E 199 -5.57 17.44 -2.10
C GLY E 199 -5.21 17.26 -3.55
N PHE E 200 -5.67 18.21 -4.36
CA PHE E 200 -5.48 18.18 -5.79
C PHE E 200 -4.53 19.29 -6.21
N ALA E 201 -3.93 19.11 -7.40
CA ALA E 201 -2.88 20.01 -7.83
C ALA E 201 -3.43 21.35 -8.30
N GLY E 202 -4.27 21.32 -9.33
CA GLY E 202 -4.82 22.53 -9.89
C GLY E 202 -6.29 22.68 -9.57
N PHE E 203 -6.82 23.88 -9.84
CA PHE E 203 -8.22 24.19 -9.56
C PHE E 203 -9.05 23.78 -10.77
N GLU E 204 -9.26 22.47 -10.91
CA GLU E 204 -10.13 21.93 -11.95
C GLU E 204 -10.56 20.54 -11.52
N LYS E 205 -11.40 19.93 -12.36
CA LYS E 205 -11.89 18.59 -12.07
C LYS E 205 -10.84 17.53 -12.35
N ASN E 206 -10.23 17.57 -13.54
CA ASN E 206 -9.31 16.54 -13.98
C ASN E 206 -7.90 16.90 -13.51
N GLY E 207 -7.69 16.77 -12.20
CA GLY E 207 -6.38 16.99 -11.63
C GLY E 207 -5.87 15.71 -11.01
N LEU E 208 -4.55 15.64 -10.86
CA LEU E 208 -3.93 14.46 -10.27
C LEU E 208 -4.03 14.55 -8.75
N TYR E 209 -4.45 13.45 -8.12
CA TYR E 209 -4.71 13.45 -6.69
C TYR E 209 -3.44 13.15 -5.91
N GLY E 210 -3.16 13.96 -4.91
CA GLY E 210 -2.06 13.69 -4.02
C GLY E 210 -0.70 14.06 -4.56
N ILE E 211 -0.63 15.05 -5.44
CA ILE E 211 0.64 15.54 -5.97
C ILE E 211 0.76 17.01 -5.61
N ASN E 212 1.71 17.33 -4.74
CA ASN E 212 1.95 18.69 -4.32
C ASN E 212 2.79 19.39 -5.39
N PRO E 213 2.33 20.48 -5.99
CA PRO E 213 3.14 21.16 -7.00
C PRO E 213 4.38 21.84 -6.42
N ALA E 214 4.38 22.17 -5.15
CA ALA E 214 5.52 22.81 -4.50
C ALA E 214 6.45 21.82 -3.82
N ASP E 215 6.42 20.55 -4.20
CA ASP E 215 7.20 19.52 -3.51
C ASP E 215 8.44 19.10 -4.29
N THR E 216 8.42 19.22 -5.61
CA THR E 216 9.52 18.69 -6.41
C THR E 216 10.77 19.54 -6.27
N ILE E 217 11.91 18.90 -6.50
CA ILE E 217 13.21 19.54 -6.35
C ILE E 217 13.80 19.88 -7.71
N GLY E 218 13.78 18.93 -8.64
CA GLY E 218 14.26 19.21 -9.99
C GLY E 218 15.35 18.24 -10.35
N ASN E 219 15.20 17.61 -11.51
CA ASN E 219 16.02 16.49 -11.94
C ASN E 219 17.46 16.90 -12.22
N LEU E 220 18.35 15.91 -12.29
CA LEU E 220 19.73 16.11 -12.69
C LEU E 220 20.04 15.23 -13.89
N CYS E 221 20.92 15.71 -14.76
CA CYS E 221 21.15 15.12 -16.07
C CYS E 221 22.63 14.81 -16.25
N VAL E 222 22.94 13.61 -16.75
CA VAL E 222 24.31 13.11 -16.84
C VAL E 222 24.61 12.73 -18.29
N ARG E 223 25.77 13.16 -18.81
CA ARG E 223 26.20 12.81 -20.16
C ARG E 223 27.71 12.63 -20.19
N ILE E 224 28.20 11.94 -21.21
CA ILE E 224 29.63 11.81 -21.47
C ILE E 224 30.06 12.89 -22.46
N VAL E 225 31.08 13.66 -22.10
CA VAL E 225 31.46 14.84 -22.86
C VAL E 225 32.47 14.53 -23.98
N ASN E 226 32.86 13.27 -24.15
CA ASN E 226 33.96 12.92 -25.05
C ASN E 226 33.57 12.73 -26.51
N GLU E 227 32.28 12.62 -26.82
CA GLU E 227 31.66 12.71 -28.16
C GLU E 227 32.24 11.74 -29.21
N HIS E 228 32.86 10.61 -28.84
CA HIS E 228 33.46 9.77 -29.86
C HIS E 228 32.90 8.35 -29.94
N GLN E 229 31.77 8.06 -29.26
CA GLN E 229 31.02 6.79 -29.36
C GLN E 229 31.85 5.54 -29.11
N PRO E 230 32.20 5.20 -27.85
CA PRO E 230 32.99 3.99 -27.60
C PRO E 230 32.23 2.72 -27.93
N VAL E 231 32.62 2.03 -29.01
CA VAL E 231 31.71 1.09 -29.66
C VAL E 231 31.55 -0.23 -28.92
N GLY E 232 32.45 -0.57 -28.00
CA GLY E 232 32.33 -1.87 -27.37
C GLY E 232 32.37 -1.86 -25.86
N PHE E 233 31.94 -0.77 -25.24
CA PHE E 233 32.04 -0.56 -23.81
C PHE E 233 30.66 -0.29 -23.22
N THR E 234 30.61 -0.11 -21.91
CA THR E 234 29.36 0.13 -21.19
C THR E 234 29.66 0.90 -19.92
N VAL E 235 29.18 2.12 -19.82
CA VAL E 235 29.46 2.99 -18.68
C VAL E 235 28.25 2.96 -17.75
N THR E 236 28.47 2.63 -16.48
CA THR E 236 27.40 2.44 -15.51
C THR E 236 27.52 3.49 -14.41
N VAL E 237 26.42 4.17 -14.11
CA VAL E 237 26.39 5.28 -13.18
C VAL E 237 25.51 4.93 -11.99
N ARG E 238 26.07 5.02 -10.78
CA ARG E 238 25.35 4.76 -9.54
C ARG E 238 25.28 6.04 -8.73
N VAL E 239 24.08 6.38 -8.25
CA VAL E 239 23.83 7.62 -7.52
C VAL E 239 23.37 7.28 -6.11
N TYR E 240 23.94 7.97 -5.12
CA TYR E 240 23.59 7.77 -3.72
C TYR E 240 23.03 9.06 -3.12
N MET E 241 22.29 8.93 -2.03
CA MET E 241 21.73 10.09 -1.32
C MET E 241 21.80 9.88 0.17
N LYS E 242 22.32 10.88 0.89
CA LYS E 242 22.33 10.87 2.35
C LYS E 242 21.52 12.05 2.87
N PRO E 243 20.28 11.84 3.27
CA PRO E 243 19.50 12.94 3.85
C PRO E 243 20.05 13.37 5.20
N LYS E 244 20.57 14.60 5.31
CA LYS E 244 21.10 15.06 6.57
C LYS E 244 20.38 16.34 7.00
N HIS E 245 20.68 16.76 8.24
CA HIS E 245 20.01 17.87 8.94
C HIS E 245 18.49 17.65 9.01
N ILE E 246 18.11 16.48 9.50
CA ILE E 246 16.72 16.02 9.45
C ILE E 246 15.90 16.75 10.51
N LYS E 247 14.72 17.21 10.15
CA LYS E 247 13.66 17.54 11.09
C LYS E 247 12.38 16.84 10.66
N ALA E 248 11.63 16.31 11.62
CA ALA E 248 10.46 15.51 11.31
C ALA E 248 9.31 15.89 12.22
N TRP E 249 8.10 15.83 11.68
CA TRP E 249 6.90 16.21 12.40
C TRP E 249 5.83 15.15 12.18
N ALA E 250 4.92 15.02 13.15
CA ALA E 250 3.66 14.27 13.07
C ALA E 250 3.79 12.82 12.63
N PRO E 251 4.19 11.91 13.52
CA PRO E 251 4.38 10.51 13.13
C PRO E 251 3.08 9.81 12.75
N ARG E 252 3.21 8.73 12.00
CA ARG E 252 2.13 8.00 11.37
C ARG E 252 2.33 6.51 11.60
N PRO E 253 1.28 5.70 11.49
CA PRO E 253 1.46 4.25 11.61
C PRO E 253 2.12 3.68 10.37
N PRO E 254 2.99 2.68 10.52
CA PRO E 254 3.70 2.13 9.37
C PRO E 254 2.81 1.23 8.54
N ARG E 255 3.19 1.08 7.27
CA ARG E 255 2.38 0.36 6.30
C ARG E 255 2.70 -1.13 6.31
N THR E 256 1.64 -1.95 6.28
CA THR E 256 1.75 -3.40 6.31
C THR E 256 1.57 -4.06 4.94
N LEU E 257 0.52 -3.69 4.21
CA LEU E 257 0.25 -4.27 2.90
C LEU E 257 1.25 -3.77 1.86
N PRO E 258 1.60 -4.58 0.87
CA PRO E 258 2.61 -4.17 -0.10
C PRO E 258 2.07 -3.12 -1.06
N TYR E 259 3.01 -2.41 -1.70
CA TYR E 259 2.67 -1.31 -2.58
C TYR E 259 2.09 -1.82 -3.90
N MET E 260 1.49 -0.90 -4.64
CA MET E 260 0.89 -1.24 -5.93
C MET E 260 1.24 -0.25 -7.03
N SER E 261 1.63 0.98 -6.70
CA SER E 261 2.11 1.95 -7.68
C SER E 261 3.10 2.87 -6.99
N ILE E 262 3.75 3.73 -7.78
CA ILE E 262 4.70 4.70 -7.26
C ILE E 262 4.10 6.10 -7.22
N ALA E 263 2.79 6.22 -7.41
CA ALA E 263 2.13 7.51 -7.39
C ALA E 263 1.10 7.67 -6.28
N ASN E 264 0.68 6.58 -5.64
CA ASN E 264 -0.41 6.60 -4.68
C ASN E 264 -0.31 5.36 -3.80
N ALA E 265 -1.38 5.07 -3.06
CA ALA E 265 -1.39 4.00 -2.06
C ALA E 265 -2.63 3.13 -2.25
N ASN E 266 -2.54 2.17 -3.16
CA ASN E 266 -3.71 1.43 -3.60
C ASN E 266 -3.88 0.06 -2.98
N TYR E 267 -2.84 -0.51 -2.39
CA TYR E 267 -2.78 -1.88 -1.83
C TYR E 267 -3.44 -3.01 -2.66
N LEU F 14 -23.67 22.15 33.41
CA LEU F 14 -22.97 21.23 32.52
C LEU F 14 -23.33 21.52 31.07
N GLN F 15 -22.71 22.53 30.49
CA GLN F 15 -22.98 22.93 29.11
C GLN F 15 -21.78 23.73 28.59
N LEU F 16 -21.85 24.08 27.32
CA LEU F 16 -20.84 24.92 26.69
C LEU F 16 -21.51 25.76 25.62
N LYS F 17 -21.14 27.04 25.54
CA LYS F 17 -21.79 28.01 24.68
C LYS F 17 -20.73 28.81 23.95
N LEU F 18 -20.84 28.87 22.62
CA LEU F 18 -19.88 29.59 21.77
C LEU F 18 -20.67 30.51 20.84
N GLY F 19 -20.85 31.76 21.27
CA GLY F 19 -21.48 32.76 20.44
C GLY F 19 -22.99 32.62 20.35
N ASN F 20 -23.46 32.23 19.16
CA ASN F 20 -24.89 32.15 18.90
C ASN F 20 -25.45 30.79 19.31
N SER F 21 -24.77 29.71 18.96
CA SER F 21 -25.22 28.36 19.25
C SER F 21 -24.81 27.95 20.66
N ALA F 22 -25.58 27.03 21.24
CA ALA F 22 -25.30 26.52 22.57
C ALA F 22 -25.54 25.03 22.59
N ILE F 23 -24.73 24.33 23.39
CA ILE F 23 -24.79 22.88 23.52
C ILE F 23 -24.95 22.56 25.01
N VAL F 24 -26.09 21.98 25.38
CA VAL F 24 -26.37 21.67 26.78
C VAL F 24 -26.09 20.22 27.10
N THR F 25 -25.34 19.52 26.26
CA THR F 25 -25.37 18.08 26.25
C THR F 25 -24.20 17.43 26.96
N GLN F 26 -23.23 18.20 27.46
CA GLN F 26 -21.97 17.61 27.92
C GLN F 26 -22.18 16.91 29.26
N GLU F 27 -21.62 15.71 29.40
CA GLU F 27 -21.62 15.05 30.70
C GLU F 27 -20.53 15.63 31.59
N ALA F 28 -19.30 15.60 31.07
CA ALA F 28 -18.11 16.09 31.74
C ALA F 28 -17.23 16.78 30.70
N ALA F 29 -16.27 17.56 31.16
CA ALA F 29 -15.41 18.28 30.22
C ALA F 29 -13.99 17.73 30.08
N ASN F 30 -13.63 17.50 28.81
CA ASN F 30 -12.29 17.06 28.41
C ASN F 30 -11.92 17.96 27.22
N TYR F 31 -10.65 18.28 27.10
CA TYR F 31 -10.21 19.14 26.02
C TYR F 31 -8.99 18.61 25.32
N CYS F 32 -9.16 17.48 24.65
CA CYS F 32 -8.07 16.94 23.89
C CYS F 32 -7.46 18.08 23.10
N CYS F 33 -6.15 18.15 23.13
CA CYS F 33 -5.39 19.12 22.36
C CYS F 33 -4.66 18.20 21.40
N ALA F 34 -4.73 18.51 20.11
CA ALA F 34 -4.19 17.58 19.13
C ALA F 34 -2.72 17.26 19.30
N TYR F 35 -1.88 18.26 19.52
CA TYR F 35 -0.46 17.97 19.73
C TYR F 35 0.13 18.77 20.87
N GLY F 36 -0.73 19.20 21.80
CA GLY F 36 -0.24 20.04 22.87
C GLY F 36 -0.44 21.52 22.68
N GLU F 37 -0.99 21.93 21.54
CA GLU F 37 -1.16 23.33 21.21
C GLU F 37 -2.62 23.67 20.99
N TRP F 38 -2.95 24.96 21.14
CA TRP F 38 -4.17 25.73 20.97
C TRP F 38 -4.16 26.44 19.62
N PRO F 39 -5.30 26.60 18.98
CA PRO F 39 -5.35 27.38 17.74
C PRO F 39 -5.17 28.86 18.03
N ASN F 40 -4.17 29.46 17.38
CA ASN F 40 -3.77 30.81 17.69
C ASN F 40 -3.44 31.51 16.38
N TYR F 41 -3.42 32.85 16.42
CA TYR F 41 -3.19 33.64 15.22
C TYR F 41 -1.71 33.59 14.83
N LEU F 42 -1.43 34.07 13.61
CA LEU F 42 -0.04 33.85 13.20
C LEU F 42 0.81 35.07 13.55
N PRO F 43 2.04 34.85 14.00
CA PRO F 43 2.97 35.96 14.20
C PRO F 43 3.67 36.29 12.89
N ASP F 44 4.39 37.43 12.91
CA ASP F 44 5.28 38.02 11.89
C ASP F 44 4.87 37.75 10.45
N HIS F 45 3.63 38.14 10.12
CA HIS F 45 3.04 37.90 8.81
C HIS F 45 3.30 39.05 7.84
N GLU F 46 4.41 39.76 7.97
CA GLU F 46 4.69 40.88 7.07
C GLU F 46 5.13 40.44 5.69
N ALA F 47 5.36 39.14 5.48
CA ALA F 47 5.81 38.64 4.18
C ALA F 47 4.85 37.67 3.53
N VAL F 48 3.75 37.32 4.19
CA VAL F 48 2.81 36.33 3.66
C VAL F 48 1.52 37.06 3.36
N ALA F 49 1.41 37.59 2.13
CA ALA F 49 0.20 38.18 1.54
C ALA F 49 -0.42 39.25 2.45
N ILE F 50 0.42 40.20 2.85
CA ILE F 50 0.03 41.20 3.84
C ILE F 50 -0.97 42.17 3.20
N ASP F 51 -2.25 41.92 3.50
CA ASP F 51 -3.35 42.69 2.93
C ASP F 51 -4.41 42.95 4.00
N LYS F 52 -3.96 43.09 5.26
CA LYS F 52 -4.77 43.23 6.48
C LYS F 52 -5.78 42.10 6.58
N PRO F 53 -5.37 40.90 7.02
CA PRO F 53 -6.30 39.78 7.17
C PRO F 53 -7.47 40.10 8.10
N THR F 54 -8.61 39.46 7.82
CA THR F 54 -9.89 39.97 8.29
C THR F 54 -10.09 39.75 9.78
N GLN F 55 -9.73 38.56 10.28
CA GLN F 55 -10.05 38.03 11.61
C GLN F 55 -11.55 38.13 11.88
N PRO F 56 -12.40 37.26 11.28
CA PRO F 56 -13.83 37.28 11.62
C PRO F 56 -14.15 36.34 12.78
N GLU F 57 -13.43 36.51 13.90
CA GLU F 57 -13.58 35.60 15.03
C GLU F 57 -14.92 35.78 15.75
N THR F 58 -15.53 36.95 15.68
CA THR F 58 -16.78 37.16 16.40
C THR F 58 -17.97 36.59 15.64
N ALA F 59 -17.86 36.41 14.33
CA ALA F 59 -19.03 36.14 13.51
C ALA F 59 -19.06 34.71 12.94
N THR F 60 -18.07 33.88 13.23
CA THR F 60 -17.97 32.57 12.60
C THR F 60 -17.97 31.44 13.62
N ASP F 61 -17.62 31.72 14.87
CA ASP F 61 -17.53 30.69 15.89
C ASP F 61 -18.92 30.20 16.31
N ARG F 62 -19.42 29.19 15.61
CA ARG F 62 -20.70 28.59 15.95
C ARG F 62 -20.65 27.08 15.76
N PHE F 63 -21.36 26.34 16.61
CA PHE F 63 -21.40 24.89 16.51
C PHE F 63 -22.33 24.54 15.36
N TYR F 64 -21.75 24.14 14.24
CA TYR F 64 -22.53 23.68 13.09
C TYR F 64 -22.80 22.20 13.28
N THR F 65 -23.96 21.87 13.86
CA THR F 65 -24.28 20.48 14.15
C THR F 65 -24.67 19.76 12.87
N LEU F 66 -23.90 18.74 12.50
CA LEU F 66 -24.19 17.99 11.30
C LEU F 66 -25.34 17.02 11.54
N LYS F 67 -25.70 16.27 10.51
CA LYS F 67 -26.81 15.33 10.62
C LYS F 67 -26.43 14.12 11.47
N SER F 68 -27.44 13.42 11.95
CA SER F 68 -27.23 12.26 12.80
C SER F 68 -27.04 11.02 11.94
N VAL F 69 -25.94 10.31 12.18
CA VAL F 69 -25.65 9.06 11.48
C VAL F 69 -26.11 7.91 12.36
N LYS F 70 -26.22 6.73 11.75
CA LYS F 70 -26.95 5.60 12.30
C LYS F 70 -26.00 4.45 12.49
N TRP F 71 -25.83 3.99 13.73
CA TRP F 71 -24.89 2.93 14.05
C TRP F 71 -25.62 1.65 14.41
N GLU F 72 -25.46 0.63 13.56
CA GLU F 72 -26.05 -0.69 13.71
C GLU F 72 -24.92 -1.71 13.91
N THR F 73 -25.28 -2.98 13.87
CA THR F 73 -24.27 -4.03 14.05
C THR F 73 -23.37 -4.15 12.84
N GLY F 74 -23.93 -4.08 11.64
CA GLY F 74 -23.14 -4.21 10.44
C GLY F 74 -22.42 -2.97 9.97
N SER F 75 -22.44 -1.88 10.73
CA SER F 75 -21.78 -0.66 10.31
C SER F 75 -20.27 -0.82 10.37
N THR F 76 -19.58 0.05 9.63
CA THR F 76 -18.17 -0.16 9.40
C THR F 76 -17.33 1.11 9.46
N GLY F 77 -17.91 2.26 9.79
CA GLY F 77 -17.12 3.46 9.98
C GLY F 77 -17.61 4.65 9.19
N TRP F 78 -17.14 5.85 9.54
CA TRP F 78 -17.52 7.08 8.87
C TRP F 78 -16.31 8.00 8.82
N TRP F 79 -16.29 8.92 7.86
CA TRP F 79 -15.20 9.88 7.79
C TRP F 79 -15.68 11.19 7.18
N TRP F 80 -15.22 12.30 7.75
CA TRP F 80 -15.46 13.64 7.23
C TRP F 80 -14.13 14.33 7.00
N LYS F 81 -14.14 15.35 6.16
CA LYS F 81 -12.95 16.16 5.92
C LYS F 81 -13.29 17.60 6.28
N LEU F 82 -12.55 18.14 7.25
CA LEU F 82 -13.01 19.32 7.99
C LEU F 82 -13.05 20.66 7.24
N PRO F 83 -12.13 21.00 6.33
CA PRO F 83 -12.38 22.19 5.50
C PRO F 83 -13.46 21.97 4.47
N ASP F 84 -13.82 20.71 4.19
CA ASP F 84 -14.77 20.37 3.16
C ASP F 84 -16.20 20.27 3.68
N ALA F 85 -16.38 19.76 4.90
CA ALA F 85 -17.74 19.57 5.41
C ALA F 85 -18.44 20.89 5.74
N LEU F 86 -17.69 21.99 5.80
CA LEU F 86 -18.24 23.29 6.18
C LEU F 86 -18.19 24.30 5.04
N ASN F 87 -18.00 23.85 3.80
CA ASN F 87 -17.90 24.79 2.69
C ASN F 87 -19.24 25.37 2.25
N ASN F 88 -20.35 24.74 2.63
CA ASN F 88 -21.64 25.17 2.13
C ASN F 88 -22.66 25.22 3.26
N ILE F 89 -22.29 25.87 4.37
CA ILE F 89 -23.18 25.86 5.54
C ILE F 89 -23.68 27.25 5.89
N GLY F 90 -22.77 28.12 6.32
CA GLY F 90 -23.23 29.36 6.92
C GLY F 90 -22.29 30.52 6.75
N MET F 91 -22.02 31.24 7.83
CA MET F 91 -21.06 32.33 7.82
C MET F 91 -19.65 31.84 7.50
N PHE F 92 -19.33 30.59 7.81
CA PHE F 92 -18.08 30.02 7.31
C PHE F 92 -18.21 29.61 5.86
N GLY F 93 -19.39 29.11 5.48
CA GLY F 93 -19.59 28.66 4.11
C GLY F 93 -19.68 29.78 3.11
N GLN F 94 -20.09 30.97 3.52
CA GLN F 94 -20.08 32.12 2.64
C GLN F 94 -18.72 32.81 2.61
N ASN F 95 -18.02 32.86 3.74
CA ASN F 95 -16.66 33.39 3.75
C ASN F 95 -15.68 32.51 3.03
N VAL F 96 -16.02 31.23 2.79
CA VAL F 96 -15.06 30.35 2.13
C VAL F 96 -15.11 30.49 0.63
N GLN F 97 -16.17 31.07 0.08
CA GLN F 97 -16.03 31.69 -1.23
C GLN F 97 -15.68 33.15 -1.06
N HIS F 98 -15.19 33.73 -2.15
CA HIS F 98 -14.65 35.08 -2.27
C HIS F 98 -13.73 35.54 -1.14
N HIS F 99 -12.92 34.64 -0.57
CA HIS F 99 -11.85 35.09 0.30
C HIS F 99 -10.52 34.39 0.05
N TYR F 100 -10.50 33.29 -0.69
CA TYR F 100 -9.34 32.81 -1.43
C TYR F 100 -8.20 32.25 -0.55
N LEU F 101 -8.21 32.46 0.76
CA LEU F 101 -7.19 31.96 1.68
C LEU F 101 -7.79 31.93 3.08
N TYR F 102 -7.44 30.92 3.87
CA TYR F 102 -7.93 30.88 5.24
C TYR F 102 -6.85 30.31 6.14
N ARG F 103 -7.11 30.40 7.44
CA ARG F 103 -6.23 29.86 8.46
C ARG F 103 -7.10 29.67 9.69
N SER F 104 -7.35 28.43 10.08
CA SER F 104 -8.30 28.19 11.16
C SER F 104 -7.98 26.88 11.86
N GLY F 105 -8.49 26.75 13.08
CA GLY F 105 -8.47 25.50 13.79
C GLY F 105 -9.85 25.24 14.38
N PHE F 106 -10.10 24.00 14.72
CA PHE F 106 -11.47 23.54 14.93
C PHE F 106 -11.69 23.10 16.37
N LEU F 107 -12.90 22.62 16.63
CA LEU F 107 -13.26 22.04 17.93
C LEU F 107 -14.43 21.11 17.69
N ILE F 108 -14.24 19.81 17.92
CA ILE F 108 -15.18 18.78 17.54
C ILE F 108 -15.82 18.19 18.78
N HIS F 109 -17.13 17.98 18.75
CA HIS F 109 -17.86 17.36 19.85
C HIS F 109 -18.70 16.22 19.31
N VAL F 110 -18.32 14.98 19.61
CA VAL F 110 -19.03 13.79 19.17
C VAL F 110 -19.76 13.22 20.37
N GLN F 111 -21.05 12.91 20.21
CA GLN F 111 -21.85 12.45 21.34
C GLN F 111 -22.98 11.56 20.85
N CYS F 112 -22.84 10.26 21.10
CA CYS F 112 -23.93 9.32 20.90
C CYS F 112 -24.72 9.18 22.19
N ASN F 113 -25.84 8.46 22.13
CA ASN F 113 -26.73 8.36 23.28
C ASN F 113 -27.45 7.02 23.28
N ALA F 114 -27.07 6.16 24.21
CA ALA F 114 -27.72 4.88 24.40
C ALA F 114 -28.12 4.73 25.85
N THR F 115 -28.87 3.67 26.14
CA THR F 115 -29.37 3.40 27.47
C THR F 115 -28.33 2.60 28.26
N LYS F 116 -28.74 2.07 29.40
CA LYS F 116 -27.88 1.22 30.21
C LYS F 116 -27.93 -0.24 29.81
N PHE F 117 -28.49 -0.56 28.65
CA PHE F 117 -28.53 -1.93 28.17
C PHE F 117 -27.78 -2.12 26.86
N HIS F 118 -27.17 -1.08 26.33
CA HIS F 118 -26.34 -1.21 25.15
C HIS F 118 -24.88 -1.42 25.53
N GLN F 119 -24.10 -1.84 24.55
CA GLN F 119 -22.68 -2.16 24.77
C GLN F 119 -21.94 -1.90 23.47
N GLY F 120 -20.70 -1.44 23.56
CA GLY F 120 -19.95 -1.13 22.36
C GLY F 120 -18.82 -0.18 22.65
N ALA F 121 -18.09 0.20 21.60
CA ALA F 121 -16.94 1.09 21.74
C ALA F 121 -16.61 1.73 20.40
N LEU F 122 -16.35 3.03 20.42
CA LEU F 122 -15.95 3.77 19.23
C LEU F 122 -14.53 4.32 19.41
N LEU F 123 -13.87 4.56 18.28
CA LEU F 123 -12.57 5.22 18.26
C LEU F 123 -12.71 6.50 17.44
N VAL F 124 -12.58 7.64 18.10
CA VAL F 124 -12.78 8.94 17.46
C VAL F 124 -11.39 9.52 17.22
N VAL F 125 -10.90 9.45 15.98
CA VAL F 125 -9.54 9.81 15.66
C VAL F 125 -9.57 10.93 14.62
N ALA F 126 -8.55 11.78 14.65
CA ALA F 126 -8.40 12.88 13.71
C ALA F 126 -7.07 12.76 13.00
N ILE F 127 -7.09 12.55 11.69
CA ILE F 127 -5.94 12.11 10.93
C ILE F 127 -5.46 13.27 10.05
N PRO F 128 -4.28 13.81 10.27
CA PRO F 128 -3.78 14.89 9.39
C PRO F 128 -3.25 14.33 8.07
N GLU F 129 -3.68 14.95 6.96
CA GLU F 129 -3.28 14.61 5.60
C GLU F 129 -3.54 13.14 5.28
N HIS F 130 -4.81 12.75 5.38
CA HIS F 130 -5.19 11.36 5.18
C HIS F 130 -5.39 11.13 3.69
N GLN F 131 -4.31 10.78 3.01
CA GLN F 131 -4.40 10.46 1.59
C GLN F 131 -5.00 9.07 1.44
N ARG F 132 -6.17 8.99 0.81
CA ARG F 132 -6.89 7.74 0.69
C ARG F 132 -6.30 6.89 -0.43
N GLY F 133 -6.93 5.75 -0.71
CA GLY F 133 -6.46 4.89 -1.77
C GLY F 133 -7.51 3.90 -2.21
N ALA F 134 -7.58 3.61 -3.50
CA ALA F 134 -8.62 2.77 -4.06
C ALA F 134 -8.21 1.32 -4.04
N HIS F 135 -9.13 0.46 -3.61
CA HIS F 135 -8.86 -0.97 -3.48
C HIS F 135 -8.71 -1.63 -4.84
N ASN F 136 -7.55 -2.25 -5.07
CA ASN F 136 -7.34 -3.25 -6.11
C ASN F 136 -7.50 -2.68 -7.52
N THR F 137 -6.81 -1.57 -7.77
CA THR F 137 -6.77 -0.95 -9.09
C THR F 137 -5.52 -0.07 -9.15
N ASN F 138 -5.36 0.61 -10.28
CA ASN F 138 -4.25 1.53 -10.49
C ASN F 138 -4.68 2.95 -10.74
N THR F 139 -5.99 3.22 -10.68
CA THR F 139 -6.52 4.56 -10.92
C THR F 139 -6.69 5.26 -9.59
N SER F 140 -6.00 6.39 -9.43
CA SER F 140 -6.18 7.22 -8.25
C SER F 140 -7.58 7.83 -8.24
N PRO F 141 -8.19 7.99 -7.06
CA PRO F 141 -9.58 8.44 -7.00
C PRO F 141 -9.76 9.89 -7.44
N GLY F 142 -10.95 10.18 -7.93
CA GLY F 142 -11.24 11.46 -8.55
C GLY F 142 -11.83 12.47 -7.59
N PHE F 143 -12.47 13.49 -8.18
CA PHE F 143 -13.00 14.59 -7.39
C PHE F 143 -14.27 14.21 -6.66
N ASP F 144 -15.01 13.23 -7.17
CA ASP F 144 -16.29 12.84 -6.58
C ASP F 144 -16.18 11.66 -5.64
N ASP F 145 -14.99 11.12 -5.43
CA ASP F 145 -14.77 10.10 -4.41
C ASP F 145 -14.09 10.65 -3.18
N ILE F 146 -13.65 11.92 -3.21
CA ILE F 146 -12.97 12.55 -2.10
C ILE F 146 -13.76 13.73 -1.56
N MET F 147 -14.25 14.59 -2.44
CA MET F 147 -14.94 15.81 -2.02
C MET F 147 -16.44 15.52 -1.91
N LYS F 148 -16.82 14.91 -0.79
CA LYS F 148 -18.21 14.57 -0.57
C LYS F 148 -18.99 15.75 -0.01
N GLY F 149 -18.67 16.17 1.22
CA GLY F 149 -19.21 17.40 1.75
C GLY F 149 -20.50 17.23 2.53
N GLU F 150 -20.42 17.38 3.86
CA GLU F 150 -21.52 17.50 4.82
C GLU F 150 -22.28 16.18 5.02
N GLU F 151 -21.96 15.18 4.21
CA GLU F 151 -22.56 13.86 4.32
C GLU F 151 -21.55 12.80 4.66
N GLY F 152 -20.27 13.10 4.56
CA GLY F 152 -19.25 12.17 4.95
C GLY F 152 -19.08 11.05 3.95
N GLY F 153 -18.53 9.96 4.43
CA GLY F 153 -18.28 8.79 3.61
C GLY F 153 -18.44 7.56 4.45
N THR F 154 -17.75 6.49 4.05
CA THR F 154 -17.84 5.20 4.73
C THR F 154 -16.57 4.44 4.42
N PHE F 155 -15.95 3.87 5.44
CA PHE F 155 -14.78 3.02 5.21
C PHE F 155 -15.19 1.74 4.50
N ASN F 156 -14.49 1.43 3.40
CA ASN F 156 -14.72 0.17 2.72
C ASN F 156 -14.01 -0.97 3.44
N HIS F 157 -12.77 -0.75 3.83
CA HIS F 157 -11.97 -1.70 4.60
C HIS F 157 -11.39 -0.93 5.76
N PRO F 158 -12.07 -0.93 6.91
CA PRO F 158 -11.63 -0.09 8.02
C PRO F 158 -10.40 -0.60 8.73
N TYR F 159 -10.11 -1.90 8.61
CA TYR F 159 -8.96 -2.50 9.30
C TYR F 159 -7.63 -1.99 8.78
N VAL F 160 -7.60 -1.45 7.56
CA VAL F 160 -6.39 -0.87 7.00
C VAL F 160 -6.53 0.62 6.74
N LEU F 161 -7.59 1.24 7.26
CA LEU F 161 -7.85 2.70 7.17
C LEU F 161 -7.89 3.22 5.73
N ASP F 162 -8.22 2.35 4.77
CA ASP F 162 -8.32 2.64 3.35
C ASP F 162 -7.04 3.20 2.74
N ASP F 163 -5.88 2.96 3.34
CA ASP F 163 -4.63 3.34 2.70
C ASP F 163 -3.51 2.34 2.93
N GLY F 164 -3.79 1.14 3.41
CA GLY F 164 -2.78 0.13 3.58
C GLY F 164 -2.08 0.12 4.91
N THR F 165 -2.33 1.13 5.75
CA THR F 165 -1.74 1.20 7.08
C THR F 165 -2.48 0.31 8.07
N SER F 166 -2.28 0.51 9.36
CA SER F 166 -2.93 -0.30 10.38
C SER F 166 -3.93 0.52 11.17
N LEU F 167 -4.95 -0.17 11.70
CA LEU F 167 -5.83 0.42 12.70
C LEU F 167 -5.34 0.16 14.11
N ALA F 168 -4.61 -0.93 14.34
CA ALA F 168 -4.04 -1.19 15.65
C ALA F 168 -3.01 -0.16 16.06
N CYS F 169 -2.32 0.44 15.09
CA CYS F 169 -1.32 1.47 15.36
C CYS F 169 -1.87 2.87 15.14
N ALA F 170 -3.18 3.01 14.97
CA ALA F 170 -3.78 4.29 14.63
C ALA F 170 -4.07 5.15 15.83
N THR F 171 -3.56 4.79 17.00
CA THR F 171 -3.66 5.62 18.19
C THR F 171 -2.49 6.59 18.31
N ILE F 172 -1.62 6.64 17.31
CA ILE F 172 -0.54 7.60 17.29
C ILE F 172 -1.06 9.00 16.95
N PHE F 173 -2.22 9.09 16.32
CA PHE F 173 -2.88 10.35 16.05
C PHE F 173 -3.62 10.79 17.31
N PRO F 174 -4.04 12.05 17.40
CA PRO F 174 -4.89 12.45 18.53
C PRO F 174 -6.26 11.77 18.46
N HIS F 175 -6.66 11.17 19.57
CA HIS F 175 -7.79 10.26 19.59
C HIS F 175 -8.42 10.27 20.97
N GLN F 176 -9.70 9.92 21.04
CA GLN F 176 -10.35 9.57 22.30
C GLN F 176 -11.27 8.39 22.09
N TRP F 177 -11.75 7.82 23.18
CA TRP F 177 -12.57 6.63 23.18
C TRP F 177 -13.97 6.94 23.68
N ILE F 178 -14.97 6.32 23.06
CA ILE F 178 -16.35 6.38 23.54
C ILE F 178 -16.74 4.96 23.86
N ASN F 179 -16.64 4.59 25.13
CA ASN F 179 -17.04 3.29 25.64
C ASN F 179 -18.42 3.45 26.27
N LEU F 180 -19.44 2.84 25.66
CA LEU F 180 -20.83 3.04 26.08
C LEU F 180 -21.15 2.53 27.46
N ARG F 181 -20.27 1.75 28.09
CA ARG F 181 -20.43 1.44 29.49
C ARG F 181 -20.09 2.64 30.36
N THR F 182 -19.06 3.40 30.01
CA THR F 182 -18.53 4.46 30.85
C THR F 182 -19.03 5.85 30.45
N ASN F 183 -18.78 6.29 29.22
CA ASN F 183 -19.12 7.63 28.78
C ASN F 183 -19.80 7.59 27.42
N ASN F 184 -20.26 8.73 26.96
CA ASN F 184 -20.80 8.83 25.61
C ASN F 184 -20.41 10.15 24.96
N SER F 185 -19.18 10.60 25.15
CA SER F 185 -18.79 11.92 24.65
C SER F 185 -17.30 11.95 24.38
N ALA F 186 -16.90 12.84 23.47
CA ALA F 186 -15.49 13.03 23.15
C ALA F 186 -15.32 14.43 22.59
N THR F 187 -14.18 15.05 22.89
CA THR F 187 -13.92 16.43 22.49
C THR F 187 -12.46 16.56 22.09
N ILE F 188 -12.22 17.01 20.85
CA ILE F 188 -10.87 17.20 20.34
C ILE F 188 -10.74 18.64 19.87
N VAL F 189 -9.66 19.31 20.25
CA VAL F 189 -9.33 20.64 19.78
C VAL F 189 -8.14 20.53 18.82
N LEU F 190 -8.30 21.06 17.62
CA LEU F 190 -7.34 20.84 16.54
C LEU F 190 -6.65 22.13 16.15
N PRO F 191 -5.32 22.21 16.17
CA PRO F 191 -4.66 23.45 15.74
C PRO F 191 -4.45 23.51 14.23
N TRP F 192 -3.74 24.53 13.76
CA TRP F 192 -3.44 24.67 12.34
C TRP F 192 -2.26 23.78 12.00
N MET F 193 -2.53 22.70 11.26
CA MET F 193 -1.51 21.71 10.93
C MET F 193 -1.27 21.76 9.43
N ASN F 194 -0.30 22.59 9.02
CA ASN F 194 0.05 22.71 7.61
C ASN F 194 1.44 23.30 7.53
N ALA F 195 2.08 23.07 6.38
CA ALA F 195 3.42 23.61 6.13
C ALA F 195 3.36 25.09 5.79
N ALA F 196 2.52 25.46 4.84
CA ALA F 196 2.36 26.86 4.45
C ALA F 196 1.59 27.62 5.54
N PRO F 197 1.81 28.92 5.65
CA PRO F 197 1.07 29.69 6.69
C PRO F 197 -0.41 29.83 6.41
N MET F 198 -0.83 29.98 5.15
CA MET F 198 -2.24 30.05 4.81
C MET F 198 -2.48 29.13 3.61
N ASP F 199 -3.70 28.62 3.48
CA ASP F 199 -3.94 27.55 2.53
C ASP F 199 -5.19 27.81 1.73
N PHE F 200 -5.31 27.11 0.60
CA PHE F 200 -6.44 27.24 -0.31
C PHE F 200 -7.56 26.30 0.14
N PRO F 201 -8.76 26.78 0.35
CA PRO F 201 -9.75 25.96 1.06
C PRO F 201 -10.58 25.06 0.17
N LEU F 202 -10.59 25.28 -1.14
CA LEU F 202 -11.45 24.54 -2.05
C LEU F 202 -10.78 23.34 -2.68
N ARG F 203 -9.51 23.08 -2.41
CA ARG F 203 -8.85 21.93 -3.03
C ARG F 203 -7.96 21.15 -2.09
N HIS F 204 -7.68 21.64 -0.88
CA HIS F 204 -6.83 20.96 0.08
C HIS F 204 -7.61 20.80 1.38
N ASN F 205 -7.45 19.65 2.04
CA ASN F 205 -8.17 19.34 3.28
C ASN F 205 -7.16 18.81 4.29
N GLN F 206 -6.92 19.57 5.35
CA GLN F 206 -5.83 19.19 6.28
C GLN F 206 -6.22 17.99 7.12
N TRP F 207 -7.26 18.13 7.94
CA TRP F 207 -7.60 17.09 8.89
C TRP F 207 -8.61 16.11 8.27
N THR F 208 -8.90 15.04 8.98
CA THR F 208 -9.89 14.06 8.55
C THR F 208 -10.45 13.40 9.81
N LEU F 209 -11.63 13.83 10.22
CA LEU F 209 -12.30 13.18 11.35
C LEU F 209 -12.79 11.81 10.92
N ALA F 210 -12.61 10.82 11.78
CA ALA F 210 -13.00 9.46 11.44
C ALA F 210 -13.38 8.70 12.71
N ILE F 211 -14.59 8.17 12.75
CA ILE F 211 -15.06 7.37 13.88
C ILE F 211 -15.27 5.94 13.40
N ILE F 212 -14.77 4.97 14.18
CA ILE F 212 -14.71 3.58 13.77
C ILE F 212 -15.19 2.71 14.92
N PRO F 213 -16.26 1.93 14.76
CA PRO F 213 -16.69 1.02 15.83
C PRO F 213 -15.80 -0.21 15.92
N VAL F 214 -14.98 -0.26 16.96
CA VAL F 214 -14.12 -1.42 17.19
C VAL F 214 -14.94 -2.62 17.62
N VAL F 215 -15.65 -2.49 18.74
CA VAL F 215 -16.54 -3.53 19.23
C VAL F 215 -17.96 -3.21 18.76
N PRO F 216 -18.61 -4.06 17.99
CA PRO F 216 -19.96 -3.77 17.51
C PRO F 216 -20.98 -3.91 18.63
N LEU F 217 -22.15 -3.33 18.42
CA LEU F 217 -23.13 -3.29 19.50
C LEU F 217 -24.00 -4.54 19.50
N GLY F 218 -24.90 -4.59 20.47
CA GLY F 218 -25.77 -5.74 20.61
C GLY F 218 -26.77 -5.56 21.74
N THR F 219 -27.87 -6.28 21.60
CA THR F 219 -28.92 -6.40 22.61
C THR F 219 -29.71 -7.66 22.30
N ARG F 220 -30.73 -7.94 23.12
CA ARG F 220 -31.55 -9.13 22.89
C ARG F 220 -32.40 -8.99 21.63
N THR F 221 -32.96 -7.80 21.40
CA THR F 221 -33.75 -7.54 20.22
C THR F 221 -32.83 -7.19 19.05
N THR F 222 -33.39 -6.64 17.98
CA THR F 222 -32.59 -6.18 16.86
C THR F 222 -31.73 -4.98 17.26
N SER F 223 -30.75 -4.68 16.42
CA SER F 223 -29.80 -3.63 16.72
C SER F 223 -30.48 -2.27 16.65
N SER F 224 -30.21 -1.44 17.65
CA SER F 224 -30.86 -0.15 17.72
C SER F 224 -30.20 0.82 16.75
N MET F 225 -30.82 1.98 16.60
CA MET F 225 -30.28 3.00 15.71
C MET F 225 -29.04 3.64 16.29
N VAL F 226 -29.06 3.97 17.59
CA VAL F 226 -28.01 4.60 18.40
C VAL F 226 -27.36 5.75 17.65
N PRO F 227 -28.01 6.90 17.55
CA PRO F 227 -27.53 7.95 16.65
C PRO F 227 -26.33 8.69 17.20
N ILE F 228 -25.46 9.13 16.30
CA ILE F 228 -24.23 9.83 16.64
C ILE F 228 -24.32 11.23 16.06
N THR F 229 -23.92 12.23 16.84
CA THR F 229 -24.09 13.63 16.46
C THR F 229 -22.76 14.37 16.56
N VAL F 230 -22.35 15.01 15.46
CA VAL F 230 -21.06 15.68 15.38
C VAL F 230 -21.28 17.18 15.28
N SER F 231 -20.51 17.95 16.03
CA SER F 231 -20.63 19.40 16.07
C SER F 231 -19.25 20.02 15.88
N ILE F 232 -19.09 20.83 14.84
CA ILE F 232 -17.79 21.38 14.46
C ILE F 232 -17.84 22.89 14.63
N ALA F 233 -16.75 23.48 15.14
CA ALA F 233 -16.70 24.91 15.39
C ALA F 233 -15.33 25.49 15.05
N PRO F 234 -15.23 26.38 14.06
CA PRO F 234 -13.94 26.99 13.71
C PRO F 234 -13.50 27.97 14.79
N MET F 235 -12.37 27.69 15.43
CA MET F 235 -12.04 28.43 16.65
C MET F 235 -11.41 29.79 16.38
N CYS F 236 -10.23 29.81 15.75
CA CYS F 236 -9.54 31.07 15.50
C CYS F 236 -9.29 31.18 14.00
N CYS F 237 -10.29 31.68 13.28
CA CYS F 237 -10.27 31.72 11.83
C CYS F 237 -9.94 33.12 11.35
N GLU F 238 -9.19 33.18 10.25
CA GLU F 238 -8.92 34.45 9.59
C GLU F 238 -8.67 34.22 8.11
N PHE F 239 -9.26 35.08 7.30
CA PHE F 239 -9.19 35.06 5.84
C PHE F 239 -8.31 36.22 5.40
N ASN F 240 -8.24 36.47 4.10
CA ASN F 240 -7.44 37.62 3.69
C ASN F 240 -8.23 38.91 3.87
N GLY F 241 -7.64 40.01 3.40
CA GLY F 241 -8.34 41.28 3.41
C GLY F 241 -9.06 41.53 2.12
N LEU F 242 -10.34 41.89 2.19
CA LEU F 242 -11.11 42.15 0.99
C LEU F 242 -11.39 43.64 0.78
N ARG F 243 -11.39 44.43 1.84
CA ARG F 243 -11.61 45.87 1.76
C ARG F 243 -10.31 46.59 2.10
N HIS F 244 -9.92 47.51 1.22
CA HIS F 244 -8.65 48.22 1.33
C HIS F 244 -8.94 49.71 1.20
N ALA F 245 -7.95 50.54 1.50
CA ALA F 245 -8.14 52.00 1.45
C ALA F 245 -8.25 52.50 0.02
N ILE F 246 -7.17 52.37 -0.76
CA ILE F 246 -7.19 52.77 -2.16
C ILE F 246 -6.73 51.61 -3.02
N GLY G 1 55.76 25.18 0.59
CA GLY G 1 54.50 24.95 1.28
C GLY G 1 54.59 23.82 2.27
N VAL G 2 53.44 23.40 2.80
CA VAL G 2 53.42 22.38 3.84
C VAL G 2 53.69 21.01 3.22
N PRO G 3 54.60 20.22 3.78
CA PRO G 3 54.92 18.90 3.21
C PRO G 3 53.94 17.85 3.70
N THR G 4 53.35 17.10 2.77
CA THR G 4 52.33 16.14 3.11
C THR G 4 52.69 14.74 2.63
N TYR G 5 51.99 13.75 3.15
CA TYR G 5 52.04 12.39 2.64
C TYR G 5 50.68 11.75 2.85
N LEU G 6 50.32 10.82 1.97
CA LEU G 6 48.99 10.23 2.00
C LEU G 6 48.98 8.98 2.87
N LEU G 7 47.93 8.82 3.66
CA LEU G 7 47.71 7.61 4.44
C LEU G 7 47.22 6.49 3.54
N PRO G 8 47.23 5.25 4.02
CA PRO G 8 46.37 4.24 3.40
C PRO G 8 44.92 4.45 3.81
N GLY G 9 44.03 4.29 2.84
CA GLY G 9 42.65 4.65 3.04
C GLY G 9 42.42 6.07 2.62
N SER G 10 42.97 6.45 1.48
CA SER G 10 42.94 7.83 0.97
C SER G 10 42.30 7.82 -0.39
N GLY G 11 41.05 8.27 -0.47
CA GLY G 11 40.29 8.25 -1.70
C GLY G 11 39.22 7.20 -1.75
N GLN G 12 38.94 6.53 -0.65
CA GLN G 12 37.90 5.53 -0.60
C GLN G 12 36.56 6.22 -0.39
N PHE G 13 35.50 5.44 -0.21
CA PHE G 13 34.17 6.00 -0.06
C PHE G 13 33.39 5.09 0.89
N LEU G 14 33.36 5.44 2.16
CA LEU G 14 32.45 4.79 3.09
C LEU G 14 31.07 5.39 2.92
N THR G 15 30.06 4.56 3.11
CA THR G 15 28.70 5.08 3.08
C THR G 15 28.31 5.71 4.41
N THR G 16 29.08 5.49 5.47
CA THR G 16 28.77 5.96 6.80
C THR G 16 29.79 6.98 7.31
N ASP G 17 30.19 7.91 6.45
CA ASP G 17 31.12 8.96 6.83
C ASP G 17 30.39 10.29 7.02
N ASP G 18 31.00 11.18 7.80
CA ASP G 18 30.40 12.46 8.15
C ASP G 18 31.38 13.55 7.78
N HIS G 19 31.36 13.99 6.53
CA HIS G 19 32.20 15.07 6.07
C HIS G 19 31.37 16.13 5.37
N SER G 20 31.95 17.31 5.22
CA SER G 20 31.28 18.41 4.54
C SER G 20 31.25 18.17 3.03
N SER G 21 30.48 18.99 2.33
CA SER G 21 30.28 18.80 0.91
C SER G 21 30.25 20.15 0.21
N ALA G 22 30.51 20.12 -1.09
CA ALA G 22 30.53 21.33 -1.89
C ALA G 22 29.10 21.79 -2.18
N PRO G 23 28.72 23.02 -1.86
CA PRO G 23 27.35 23.47 -2.09
C PRO G 23 27.05 23.65 -3.57
N ALA G 24 25.85 23.23 -3.97
CA ALA G 24 25.45 23.39 -5.36
C ALA G 24 25.18 24.85 -5.69
N LEU G 25 24.36 25.51 -4.89
CA LEU G 25 23.95 26.89 -5.13
C LEU G 25 24.33 27.72 -3.91
N PRO G 26 25.53 28.30 -3.91
CA PRO G 26 25.83 29.32 -2.91
C PRO G 26 25.02 30.57 -3.19
N CYS G 27 24.82 31.35 -2.13
CA CYS G 27 23.96 32.55 -2.13
C CYS G 27 22.54 32.21 -2.59
N PHE G 28 21.96 31.21 -1.90
CA PHE G 28 20.55 30.87 -2.04
C PHE G 28 19.98 30.72 -0.65
N ASN G 29 18.95 31.51 -0.34
CA ASN G 29 18.36 31.50 0.99
C ASN G 29 17.09 30.66 0.99
N PRO G 30 17.03 29.56 1.74
CA PRO G 30 15.81 28.76 1.77
C PRO G 30 14.68 29.47 2.50
N THR G 31 13.50 28.88 2.44
CA THR G 31 12.36 29.43 3.15
C THR G 31 12.55 29.23 4.65
N PRO G 32 12.24 30.25 5.45
CA PRO G 32 12.54 30.15 6.88
C PRO G 32 11.60 29.19 7.60
N GLU G 33 12.03 28.77 8.79
CA GLU G 33 11.32 27.75 9.53
C GLU G 33 10.05 28.31 10.15
N MET G 34 9.04 27.46 10.28
CA MET G 34 7.77 27.83 10.85
C MET G 34 7.42 26.81 11.93
N HIS G 35 6.70 27.26 12.95
CA HIS G 35 6.31 26.38 14.04
C HIS G 35 5.17 25.48 13.58
N ILE G 36 5.52 24.29 13.10
CA ILE G 36 4.56 23.25 12.75
C ILE G 36 4.39 22.38 13.99
N PRO G 37 3.18 22.14 14.48
CA PRO G 37 3.03 21.45 15.76
C PRO G 37 3.24 19.96 15.66
N GLY G 38 3.83 19.39 16.70
CA GLY G 38 3.99 17.96 16.80
C GLY G 38 5.32 17.45 16.31
N GLN G 39 6.41 18.09 16.73
CA GLN G 39 7.73 17.69 16.29
C GLN G 39 8.23 16.52 17.11
N VAL G 40 8.74 15.50 16.43
CA VAL G 40 9.38 14.36 17.09
C VAL G 40 10.89 14.49 16.93
N ARG G 41 11.61 14.28 18.02
CA ARG G 41 13.06 14.36 18.01
C ARG G 41 13.74 13.04 18.29
N ASN G 42 13.01 12.03 18.70
CA ASN G 42 13.58 10.79 19.18
C ASN G 42 12.54 9.71 18.98
N MET G 43 12.96 8.56 18.48
CA MET G 43 11.99 7.51 18.14
C MET G 43 11.51 6.73 19.35
N LEU G 44 11.95 7.06 20.56
CA LEU G 44 11.31 6.51 21.75
C LEU G 44 10.09 7.30 22.17
N GLU G 45 9.78 8.38 21.49
CA GLU G 45 8.51 9.07 21.73
C GLU G 45 7.37 8.41 20.99
N VAL G 46 7.67 7.49 20.09
CA VAL G 46 6.67 6.79 19.32
C VAL G 46 6.30 5.45 19.96
N VAL G 47 7.29 4.76 20.54
CA VAL G 47 6.99 3.48 21.17
C VAL G 47 6.30 3.61 22.52
N GLN G 48 6.22 4.80 23.09
CA GLN G 48 5.57 5.00 24.37
C GLN G 48 4.11 5.39 24.23
N VAL G 49 3.52 5.18 23.07
CA VAL G 49 2.12 5.46 22.82
C VAL G 49 1.37 4.13 22.82
N GLU G 50 0.23 4.09 23.49
CA GLU G 50 -0.56 2.87 23.56
C GLU G 50 -1.11 2.50 22.18
N SER G 51 -1.17 1.21 21.90
CA SER G 51 -1.62 0.72 20.60
C SER G 51 -2.08 -0.72 20.78
N MET G 52 -3.26 -1.02 20.26
CA MET G 52 -3.92 -2.27 20.63
C MET G 52 -3.29 -3.46 19.94
N MET G 53 -3.43 -4.61 20.56
CA MET G 53 -2.85 -5.85 20.07
C MET G 53 -3.95 -6.83 19.68
N GLU G 54 -3.55 -7.95 19.10
CA GLU G 54 -4.48 -8.93 18.58
C GLU G 54 -4.62 -10.06 19.60
N ILE G 55 -5.57 -9.88 20.52
CA ILE G 55 -5.81 -10.85 21.58
C ILE G 55 -6.32 -12.16 21.00
N ASN G 56 -7.14 -12.10 19.95
CA ASN G 56 -7.79 -13.29 19.41
C ASN G 56 -6.78 -14.03 18.56
N ASN G 57 -6.07 -14.98 19.19
CA ASN G 57 -5.03 -15.75 18.53
C ASN G 57 -5.52 -17.08 17.99
N THR G 58 -6.78 -17.17 17.59
CA THR G 58 -7.26 -18.37 16.92
C THR G 58 -6.98 -18.27 15.42
N GLU G 59 -7.14 -19.39 14.74
CA GLU G 59 -6.94 -19.43 13.30
C GLU G 59 -8.26 -19.18 12.58
N SER G 60 -8.13 -18.71 11.33
CA SER G 60 -9.25 -18.29 10.47
C SER G 60 -10.11 -17.23 11.15
N ALA G 61 -9.45 -16.27 11.82
CA ALA G 61 -10.09 -15.05 12.31
C ALA G 61 -9.64 -13.94 11.38
N VAL G 62 -10.51 -13.56 10.45
CA VAL G 62 -10.15 -12.69 9.34
C VAL G 62 -10.79 -11.33 9.55
N GLY G 63 -9.99 -10.28 9.46
CA GLY G 63 -10.52 -8.94 9.52
C GLY G 63 -10.17 -8.23 10.80
N MET G 64 -11.05 -7.34 11.26
CA MET G 64 -10.88 -6.68 12.54
C MET G 64 -11.59 -7.42 13.67
N GLU G 65 -11.87 -8.71 13.48
CA GLU G 65 -12.31 -9.61 14.53
C GLU G 65 -11.14 -10.20 15.29
N ARG G 66 -9.91 -9.84 14.95
CA ARG G 66 -8.75 -10.30 15.68
C ARG G 66 -8.47 -9.49 16.92
N LEU G 67 -9.09 -8.33 17.05
CA LEU G 67 -8.75 -7.38 18.09
C LEU G 67 -9.55 -7.57 19.37
N LYS G 68 -10.29 -8.66 19.49
CA LYS G 68 -11.25 -8.82 20.58
C LYS G 68 -11.51 -10.30 20.84
N VAL G 69 -11.75 -10.66 22.10
CA VAL G 69 -12.19 -11.99 22.48
C VAL G 69 -13.58 -11.91 23.08
N ASP G 70 -14.46 -12.79 22.63
CA ASP G 70 -15.84 -12.82 23.09
C ASP G 70 -15.98 -13.79 24.25
N ILE G 71 -16.60 -13.33 25.33
CA ILE G 71 -17.05 -14.19 26.42
C ILE G 71 -18.56 -14.16 26.43
N SER G 72 -19.18 -15.29 26.73
CA SER G 72 -20.62 -15.40 26.67
C SER G 72 -21.15 -15.98 27.98
N ALA G 73 -22.47 -16.04 28.10
CA ALA G 73 -23.07 -16.59 29.30
C ALA G 73 -23.00 -18.10 29.34
N LEU G 74 -22.91 -18.77 28.19
CA LEU G 74 -22.78 -20.22 28.12
C LEU G 74 -21.33 -20.64 28.04
N THR G 75 -20.48 -20.14 28.94
CA THR G 75 -19.08 -20.54 29.00
C THR G 75 -18.83 -21.25 30.33
N ASP G 76 -17.72 -21.95 30.41
CA ASP G 76 -17.43 -22.72 31.61
C ASP G 76 -16.75 -21.84 32.64
N VAL G 77 -16.70 -22.32 33.88
CA VAL G 77 -16.21 -21.48 34.97
C VAL G 77 -14.70 -21.51 35.10
N ASP G 78 -14.02 -22.54 34.59
CA ASP G 78 -12.57 -22.62 34.68
C ASP G 78 -11.99 -22.94 33.31
N GLN G 79 -11.76 -21.91 32.50
CA GLN G 79 -11.04 -22.08 31.24
C GLN G 79 -10.34 -20.78 30.90
N LEU G 80 -9.30 -20.88 30.08
CA LEU G 80 -8.51 -19.72 29.74
C LEU G 80 -9.08 -19.04 28.50
N LEU G 81 -8.97 -17.72 28.48
CA LEU G 81 -9.45 -16.95 27.34
C LEU G 81 -8.35 -16.71 26.32
N PHE G 82 -7.15 -16.39 26.78
CA PHE G 82 -6.02 -16.08 25.91
C PHE G 82 -4.73 -16.22 26.68
N ASN G 83 -3.61 -16.13 25.97
CA ASN G 83 -2.30 -15.86 26.54
C ASN G 83 -1.43 -15.14 25.52
N ILE G 84 -0.62 -14.20 26.00
CA ILE G 84 0.25 -13.40 25.15
C ILE G 84 1.69 -13.86 25.39
N PRO G 85 2.33 -14.52 24.43
CA PRO G 85 3.77 -14.72 24.51
C PRO G 85 4.46 -13.38 24.33
N LEU G 86 5.34 -13.04 25.26
CA LEU G 86 6.02 -11.73 25.20
C LEU G 86 7.22 -11.75 24.27
N ASP G 87 7.02 -12.19 23.03
CA ASP G 87 8.04 -12.20 21.99
C ASP G 87 7.67 -11.12 20.98
N ILE G 88 8.50 -10.08 20.91
CA ILE G 88 8.26 -9.03 19.93
C ILE G 88 8.67 -9.49 18.53
N GLN G 89 9.77 -10.23 18.44
CA GLN G 89 10.30 -10.64 17.14
C GLN G 89 9.47 -11.72 16.47
N LEU G 90 8.71 -12.49 17.22
CA LEU G 90 8.00 -13.62 16.64
C LEU G 90 6.59 -13.24 16.22
N ASP G 91 5.93 -14.16 15.54
CA ASP G 91 4.54 -13.97 15.17
C ASP G 91 3.64 -14.18 16.38
N GLY G 92 2.56 -13.40 16.44
CA GLY G 92 1.63 -13.49 17.53
C GLY G 92 0.92 -12.18 17.76
N PRO G 93 0.48 -11.95 19.01
CA PRO G 93 -0.27 -10.73 19.30
C PRO G 93 0.55 -9.45 19.30
N LEU G 94 1.86 -9.52 19.51
CA LEU G 94 2.67 -8.32 19.65
C LEU G 94 3.50 -8.01 18.41
N ARG G 95 3.24 -8.70 17.30
CA ARG G 95 4.00 -8.43 16.09
C ARG G 95 3.60 -7.10 15.46
N ASN G 96 2.31 -6.94 15.19
CA ASN G 96 1.80 -5.75 14.51
C ASN G 96 1.24 -4.77 15.54
N THR G 97 2.13 -4.28 16.39
CA THR G 97 1.84 -3.20 17.31
C THR G 97 2.76 -2.04 16.98
N LEU G 98 2.75 -1.02 17.84
CA LEU G 98 3.60 0.14 17.61
C LEU G 98 4.97 -0.03 18.22
N VAL G 99 5.09 -0.88 19.24
CA VAL G 99 6.39 -1.18 19.82
C VAL G 99 7.08 -2.30 19.05
N GLY G 100 6.34 -3.08 18.27
CA GLY G 100 6.90 -4.17 17.51
C GLY G 100 7.17 -3.89 16.07
N ASN G 101 7.00 -2.64 15.62
CA ASN G 101 7.38 -2.22 14.28
C ASN G 101 8.58 -1.30 14.28
N ILE G 102 8.78 -0.54 15.36
CA ILE G 102 9.96 0.29 15.48
C ILE G 102 11.14 -0.56 15.91
N SER G 103 10.90 -1.60 16.70
CA SER G 103 11.99 -2.44 17.18
C SER G 103 12.30 -3.58 16.22
N ARG G 104 11.84 -3.49 14.97
CA ARG G 104 12.34 -4.38 13.93
C ARG G 104 13.55 -3.78 13.24
N TYR G 105 13.68 -2.46 13.29
CA TYR G 105 14.82 -1.81 12.68
C TYR G 105 16.07 -1.96 13.52
N TYR G 106 15.93 -2.20 14.82
CA TYR G 106 17.06 -2.30 15.72
C TYR G 106 17.25 -3.75 16.14
N THR G 107 18.47 -4.09 16.54
CA THR G 107 18.77 -5.49 16.87
C THR G 107 18.45 -5.80 18.32
N HIS G 108 19.04 -5.05 19.26
CA HIS G 108 18.90 -5.33 20.67
C HIS G 108 17.86 -4.41 21.30
N TRP G 109 17.03 -4.97 22.17
CA TRP G 109 16.05 -4.19 22.92
C TRP G 109 15.99 -4.69 24.35
N SER G 110 15.77 -3.76 25.28
CA SER G 110 15.65 -4.13 26.69
C SER G 110 14.90 -3.02 27.42
N GLY G 111 13.85 -3.39 28.14
CA GLY G 111 13.10 -2.41 28.91
C GLY G 111 11.85 -3.04 29.49
N SER G 112 11.10 -2.19 30.19
CA SER G 112 9.87 -2.60 30.84
C SER G 112 8.67 -2.08 30.05
N LEU G 113 7.58 -2.83 30.12
CA LEU G 113 6.38 -2.57 29.33
C LEU G 113 5.20 -2.28 30.24
N GLU G 114 4.03 -2.12 29.63
CA GLU G 114 2.85 -1.65 30.36
C GLU G 114 1.62 -2.06 29.56
N MET G 115 0.85 -3.00 30.07
CA MET G 115 -0.33 -3.51 29.38
C MET G 115 -1.60 -2.96 30.02
N THR G 116 -2.64 -2.84 29.21
CA THR G 116 -3.91 -2.27 29.66
C THR G 116 -5.05 -2.98 28.96
N PHE G 117 -5.99 -3.51 29.71
CA PHE G 117 -7.16 -4.17 29.18
C PHE G 117 -8.38 -3.29 29.38
N MET G 118 -9.43 -3.56 28.62
CA MET G 118 -10.63 -2.73 28.71
C MET G 118 -11.83 -3.59 28.34
N PHE G 119 -12.86 -3.54 29.18
CA PHE G 119 -14.05 -4.36 29.02
C PHE G 119 -15.14 -3.55 28.33
N CYS G 120 -15.75 -4.14 27.30
CA CYS G 120 -16.72 -3.41 26.50
C CYS G 120 -18.09 -4.06 26.50
N GLY G 121 -18.59 -4.44 27.68
CA GLY G 121 -19.93 -4.94 27.83
C GLY G 121 -20.90 -3.85 28.24
N SER G 122 -22.12 -4.27 28.56
CA SER G 122 -23.15 -3.30 28.93
C SER G 122 -22.94 -2.85 30.37
N PHE G 123 -23.78 -1.92 30.80
CA PHE G 123 -23.60 -1.32 32.13
C PHE G 123 -24.02 -2.26 33.25
N MET G 124 -24.93 -3.19 32.97
CA MET G 124 -25.45 -4.09 33.98
C MET G 124 -24.55 -5.29 34.26
N ALA G 125 -23.69 -5.68 33.33
CA ALA G 125 -23.04 -6.97 33.39
C ALA G 125 -21.86 -6.99 34.34
N THR G 126 -21.72 -8.09 35.09
CA THR G 126 -20.67 -8.26 36.10
C THR G 126 -19.89 -9.55 35.89
N GLY G 127 -19.06 -9.93 36.86
CA GLY G 127 -18.23 -11.11 36.79
C GLY G 127 -16.80 -10.79 37.16
N LYS G 128 -16.00 -11.85 37.31
CA LYS G 128 -14.60 -11.69 37.67
C LYS G 128 -13.70 -12.49 36.73
N LEU G 129 -12.50 -11.96 36.49
CA LEU G 129 -11.44 -12.61 35.74
C LEU G 129 -10.21 -12.71 36.63
N ILE G 130 -9.13 -13.28 36.09
CA ILE G 130 -7.87 -13.41 36.82
C ILE G 130 -6.73 -13.38 35.81
N LEU G 131 -5.74 -12.52 36.07
CA LEU G 131 -4.68 -12.20 35.11
C LEU G 131 -3.34 -12.63 35.68
N CYS G 132 -2.75 -13.66 35.12
CA CYS G 132 -1.54 -14.27 35.66
C CYS G 132 -0.34 -13.91 34.79
N TYR G 133 0.74 -13.51 35.43
CA TYR G 133 2.00 -13.23 34.75
C TYR G 133 3.02 -14.32 35.10
N THR G 134 3.65 -14.89 34.10
CA THR G 134 4.64 -15.93 34.30
C THR G 134 6.02 -15.42 33.92
N PRO G 135 7.02 -15.52 34.81
CA PRO G 135 8.37 -15.06 34.50
C PRO G 135 9.02 -15.95 33.43
N PRO G 136 10.17 -15.54 32.85
CA PRO G 136 10.78 -16.36 31.79
C PRO G 136 11.26 -17.74 32.20
N GLY G 137 11.35 -18.04 33.49
CA GLY G 137 11.74 -19.37 33.90
C GLY G 137 10.67 -20.41 33.69
N GLY G 138 9.55 -20.27 34.38
CA GLY G 138 8.49 -21.26 34.35
C GLY G 138 7.73 -21.24 33.04
N SER G 139 6.85 -22.22 32.89
CA SER G 139 6.06 -22.40 31.69
C SER G 139 4.64 -21.90 31.91
N CYS G 140 3.86 -21.93 30.83
CA CYS G 140 2.50 -21.40 30.88
C CYS G 140 1.60 -22.34 31.68
N PRO G 141 0.80 -21.81 32.60
CA PRO G 141 -0.11 -22.65 33.38
C PRO G 141 -1.32 -23.07 32.56
N THR G 142 -1.85 -24.25 32.90
CA THR G 142 -2.96 -24.83 32.15
C THR G 142 -4.26 -24.84 32.92
N THR G 143 -4.23 -24.88 34.25
CA THR G 143 -5.42 -24.80 35.07
C THR G 143 -5.38 -23.54 35.92
N ARG G 144 -6.55 -23.14 36.41
CA ARG G 144 -6.65 -21.92 37.19
C ARG G 144 -6.01 -22.09 38.56
N GLU G 145 -6.08 -23.31 39.11
CA GLU G 145 -5.51 -23.57 40.42
C GLU G 145 -4.00 -23.44 40.42
N THR G 146 -3.33 -23.98 39.39
CA THR G 146 -1.88 -23.86 39.31
C THR G 146 -1.45 -22.49 38.83
N ALA G 147 -2.37 -21.67 38.33
CA ALA G 147 -2.04 -20.32 37.89
C ALA G 147 -2.19 -19.29 38.98
N MET G 148 -3.00 -19.57 40.00
CA MET G 148 -3.21 -18.63 41.09
C MET G 148 -1.95 -18.47 41.93
N LEU G 149 -1.13 -19.51 42.03
CA LEU G 149 0.05 -19.49 42.88
C LEU G 149 1.20 -18.69 42.31
N GLY G 150 1.04 -18.04 41.16
CA GLY G 150 2.03 -17.13 40.63
C GLY G 150 1.75 -15.71 41.05
N THR G 151 1.94 -14.79 40.11
CA THR G 151 1.56 -13.39 40.31
C THR G 151 0.24 -13.14 39.60
N HIS G 152 -0.78 -12.73 40.35
CA HIS G 152 -2.10 -12.60 39.75
C HIS G 152 -2.81 -11.41 40.34
N ILE G 153 -3.82 -10.94 39.62
CA ILE G 153 -4.81 -9.99 40.15
C ILE G 153 -6.19 -10.52 39.80
N VAL G 154 -7.14 -10.32 40.70
CA VAL G 154 -8.51 -10.78 40.49
C VAL G 154 -9.35 -9.59 40.09
N TRP G 155 -9.68 -9.49 38.81
CA TRP G 155 -10.27 -8.29 38.27
C TRP G 155 -11.79 -8.44 38.16
N ASP G 156 -12.50 -7.61 38.91
CA ASP G 156 -13.95 -7.55 38.91
C ASP G 156 -14.36 -6.43 37.96
N PHE G 157 -14.82 -6.81 36.76
CA PHE G 157 -15.25 -5.84 35.76
C PHE G 157 -16.70 -5.43 35.93
N GLY G 158 -17.27 -5.58 37.12
CA GLY G 158 -18.56 -4.98 37.41
C GLY G 158 -18.43 -3.58 37.96
N LEU G 159 -17.28 -3.25 38.54
CA LEU G 159 -17.05 -1.92 39.10
C LEU G 159 -16.13 -1.10 38.19
N GLN G 160 -14.95 -1.64 37.88
CA GLN G 160 -14.02 -1.01 36.98
C GLN G 160 -14.23 -1.51 35.55
N SER G 161 -13.65 -0.78 34.61
CA SER G 161 -13.67 -1.17 33.21
C SER G 161 -12.30 -1.16 32.57
N SER G 162 -11.25 -0.90 33.34
CA SER G 162 -9.90 -0.90 32.81
C SER G 162 -8.95 -1.31 33.93
N VAL G 163 -7.94 -2.08 33.57
CA VAL G 163 -6.94 -2.52 34.53
C VAL G 163 -5.57 -2.23 33.91
N THR G 164 -4.54 -2.24 34.74
CA THR G 164 -3.19 -1.95 34.29
C THR G 164 -2.25 -2.97 34.88
N LEU G 165 -1.46 -3.62 34.03
CA LEU G 165 -0.52 -4.65 34.45
C LEU G 165 0.87 -4.23 34.02
N ILE G 166 1.81 -4.20 34.96
CA ILE G 166 3.17 -3.74 34.69
C ILE G 166 4.07 -4.95 34.48
N ILE G 167 4.64 -5.06 33.28
CA ILE G 167 5.60 -6.11 32.95
C ILE G 167 6.96 -5.65 33.48
N PRO G 168 7.64 -6.45 34.31
CA PRO G 168 8.86 -5.95 34.98
C PRO G 168 10.06 -5.73 34.08
N TRP G 169 10.46 -6.71 33.27
CA TRP G 169 11.65 -6.58 32.43
C TRP G 169 11.66 -7.60 31.32
N ILE G 170 11.80 -7.16 30.06
CA ILE G 170 12.04 -8.08 28.96
C ILE G 170 13.28 -7.63 28.20
N SER G 171 13.86 -8.55 27.44
CA SER G 171 15.02 -8.27 26.63
C SER G 171 15.10 -9.31 25.53
N GLY G 172 15.89 -9.01 24.50
CA GLY G 172 16.00 -9.94 23.38
C GLY G 172 16.96 -9.46 22.33
N SER G 173 17.38 -10.39 21.49
CA SER G 173 18.35 -10.14 20.43
C SER G 173 18.02 -11.10 19.29
N HIS G 174 18.96 -11.29 18.36
CA HIS G 174 18.70 -12.11 17.19
C HIS G 174 19.64 -13.29 16.99
N TYR G 175 20.86 -13.25 17.55
CA TYR G 175 21.70 -14.43 17.86
C TYR G 175 22.02 -15.28 16.63
N ARG G 176 22.73 -14.68 15.68
CA ARG G 176 23.20 -15.47 14.56
C ARG G 176 24.38 -16.36 14.96
N SER G 184 19.93 -19.80 17.31
CA SER G 184 19.08 -19.11 16.35
C SER G 184 18.27 -18.01 17.03
N THR G 185 17.06 -18.33 17.49
CA THR G 185 16.18 -17.35 18.09
C THR G 185 15.80 -17.76 19.50
N ASN G 186 15.80 -16.80 20.43
CA ASN G 186 15.35 -17.05 21.79
C ASN G 186 13.83 -17.21 21.86
N ALA G 187 13.36 -17.70 23.00
CA ALA G 187 11.93 -17.92 23.22
C ALA G 187 11.65 -17.91 24.72
N ASN G 188 10.36 -17.92 25.06
CA ASN G 188 9.81 -18.03 26.42
C ASN G 188 10.30 -16.88 27.31
N VAL G 189 9.94 -15.68 26.91
CA VAL G 189 10.24 -14.47 27.68
C VAL G 189 9.11 -14.14 28.66
N GLY G 190 7.98 -14.82 28.55
CA GLY G 190 6.93 -14.63 29.53
C GLY G 190 5.57 -14.88 28.96
N TYR G 191 4.56 -14.95 29.82
CA TYR G 191 3.20 -15.18 29.37
C TYR G 191 2.26 -14.40 30.25
N VAL G 192 1.24 -13.81 29.64
CA VAL G 192 0.18 -13.14 30.37
C VAL G 192 -1.11 -13.87 30.00
N THR G 193 -1.52 -14.80 30.85
CA THR G 193 -2.67 -15.63 30.59
C THR G 193 -3.83 -15.21 31.48
N CYS G 194 -5.05 -15.47 31.02
CA CYS G 194 -6.25 -14.98 31.67
C CYS G 194 -7.27 -16.09 31.78
N PHE G 195 -7.68 -16.42 32.99
CA PHE G 195 -8.66 -17.45 33.26
C PHE G 195 -9.97 -16.82 33.71
N MET G 196 -11.04 -17.59 33.60
CA MET G 196 -12.34 -17.18 34.07
C MET G 196 -12.47 -17.54 35.53
N GLN G 197 -13.02 -16.62 36.33
CA GLN G 197 -13.25 -16.87 37.74
C GLN G 197 -14.69 -17.25 38.03
N THR G 198 -15.63 -16.38 37.69
CA THR G 198 -17.05 -16.66 37.77
C THR G 198 -17.66 -16.52 36.38
N ASN G 199 -18.87 -17.02 36.22
CA ASN G 199 -19.47 -16.91 34.91
C ASN G 199 -20.05 -15.51 34.72
N LEU G 200 -20.29 -15.14 33.47
CA LEU G 200 -20.80 -13.81 33.15
C LEU G 200 -22.28 -13.73 33.55
N ILE G 201 -22.68 -12.59 34.12
CA ILE G 201 -24.05 -12.38 34.57
C ILE G 201 -24.61 -11.18 33.84
N VAL G 202 -25.59 -11.43 32.98
CA VAL G 202 -26.25 -10.37 32.23
C VAL G 202 -27.74 -10.43 32.57
N PRO G 203 -28.45 -9.31 32.47
CA PRO G 203 -29.90 -9.33 32.64
C PRO G 203 -30.59 -9.86 31.39
N SER G 204 -31.92 -9.84 31.42
CA SER G 204 -32.70 -10.37 30.32
C SER G 204 -32.87 -9.40 29.17
N GLU G 205 -32.24 -8.24 29.22
CA GLU G 205 -32.37 -7.23 28.17
C GLU G 205 -31.06 -6.93 27.47
N SER G 206 -29.93 -6.96 28.18
CA SER G 206 -28.64 -6.85 27.52
C SER G 206 -28.33 -8.12 26.75
N SER G 207 -27.39 -8.01 25.81
CA SER G 207 -26.94 -9.18 25.09
C SER G 207 -26.07 -10.05 25.99
N ASP G 208 -25.92 -11.31 25.60
CA ASP G 208 -25.14 -12.25 26.40
C ASP G 208 -23.69 -12.32 26.00
N THR G 209 -23.28 -11.63 24.94
CA THR G 209 -21.91 -11.67 24.46
C THR G 209 -21.22 -10.34 24.75
N CYS G 210 -20.09 -10.40 25.44
CA CYS G 210 -19.29 -9.24 25.77
C CYS G 210 -17.91 -9.40 25.13
N SER G 211 -17.04 -8.40 25.30
CA SER G 211 -15.77 -8.44 24.62
C SER G 211 -14.71 -7.68 25.40
N LEU G 212 -13.44 -8.01 25.15
CA LEU G 212 -12.29 -7.35 25.74
C LEU G 212 -11.42 -6.74 24.66
N ILE G 213 -10.64 -5.73 25.04
CA ILE G 213 -9.67 -5.08 24.17
C ILE G 213 -8.39 -4.88 24.98
N GLY G 214 -7.26 -5.23 24.41
CA GLY G 214 -5.97 -5.10 25.09
C GLY G 214 -5.08 -4.08 24.42
N PHE G 215 -4.28 -3.38 25.23
CA PHE G 215 -3.38 -2.32 24.79
C PHE G 215 -1.96 -2.63 25.26
N ILE G 216 -0.97 -1.97 24.68
CA ILE G 216 0.41 -2.11 25.12
C ILE G 216 1.17 -0.84 24.79
N ALA G 217 2.13 -0.49 25.66
CA ALA G 217 2.97 0.67 25.48
C ALA G 217 4.22 0.49 26.31
N ALA G 218 5.35 0.92 25.77
CA ALA G 218 6.60 0.79 26.50
C ALA G 218 6.69 1.86 27.57
N LYS G 219 7.54 1.61 28.56
CA LYS G 219 7.77 2.57 29.64
C LYS G 219 8.88 3.54 29.25
N ASP G 220 9.33 4.32 30.21
CA ASP G 220 10.33 5.34 29.99
C ASP G 220 11.75 4.87 30.27
N ASP G 221 11.99 3.56 30.19
CA ASP G 221 13.35 3.02 30.27
C ASP G 221 13.56 1.92 29.23
N PHE G 222 12.88 2.05 28.10
CA PHE G 222 13.04 1.15 26.97
C PHE G 222 14.21 1.65 26.14
N SER G 223 14.91 0.74 25.47
CA SER G 223 16.13 1.14 24.78
C SER G 223 16.38 0.24 23.57
N LEU G 224 17.03 0.81 22.56
CA LEU G 224 17.25 0.14 21.28
C LEU G 224 18.66 0.43 20.82
N ARG G 225 19.25 -0.51 20.07
CA ARG G 225 20.65 -0.39 19.66
C ARG G 225 20.90 -1.16 18.38
N LEU G 226 21.92 -0.73 17.61
CA LEU G 226 22.44 -1.39 16.41
C LEU G 226 21.39 -1.52 15.32
N MET G 227 21.09 -0.41 14.64
CA MET G 227 20.06 -0.38 13.60
C MET G 227 20.40 -1.30 12.43
N ARG G 228 19.42 -2.08 12.00
CA ARG G 228 19.50 -2.90 10.79
C ARG G 228 18.30 -2.60 9.89
N ASP G 229 18.08 -3.40 8.86
CA ASP G 229 16.96 -3.20 7.95
C ASP G 229 15.83 -4.17 8.25
N SER G 230 14.60 -3.68 8.13
CA SER G 230 13.44 -4.45 8.53
C SER G 230 13.07 -5.49 7.48
N PRO G 231 12.60 -6.67 7.91
CA PRO G 231 12.12 -7.68 6.96
C PRO G 231 10.64 -7.59 6.62
N ASP G 232 9.95 -6.50 6.98
CA ASP G 232 8.50 -6.44 6.84
C ASP G 232 8.08 -6.24 5.38
N ILE G 233 8.94 -5.63 4.56
CA ILE G 233 8.57 -5.29 3.20
C ILE G 233 9.45 -5.99 2.16
N GLY G 234 10.57 -6.58 2.58
CA GLY G 234 11.51 -7.18 1.65
C GLY G 234 11.14 -8.60 1.26
#